data_3NTL
#
_entry.id   3NTL
#
_cell.length_a   151.079
_cell.length_b   151.079
_cell.length_c   86.644
_cell.angle_alpha   90.00
_cell.angle_beta   90.00
_cell.angle_gamma   120.00
#
_symmetry.space_group_name_H-M   'H 3'
#
loop_
_entity.id
_entity.type
_entity.pdbx_description
1 polymer 'Acid glucose-1-phosphate phosphatase'
2 non-polymer 'INOSITOL HEXAKISPHOSPHATE'
3 non-polymer 'PHOSPHATE ION'
4 non-polymer 'CALCIUM ION'
5 water water
#
_entity_poly.entity_id   1
_entity_poly.type   'polypeptide(L)'
_entity_poly.pdbx_seq_one_letter_code
;SPEGYQLEQVLIMSRANLRAPLANNGSVLEQSTPKQWPEWEVPGGQLTTKGGVLEVYMGHYMREWLAQQGMVKTGECPAA
DSVYAYANSLQRTVATAQFFITGAFPGCDVPVHHQEKMGTMDPTFNPVITDNSPEFREKALKAMETERQKMQLTESYKLL
EQMTNYADSPSCKEKKVCSLADAKDTFSADYEKEPGVSGPLKVGNSLVDAFTLQYYEGFPADQVAWGEIKTDQQWRVLSK
LKNGYQDSLFTSTEVAQNVAKPLVKYIDKTLVTEQAKAPKITLLVGHDSNIASLLTALDFKPYQLHDQQERTPIGGKIVF
QRWHDKNANQELMKIEYVYQSSEQLRNASVLSLQSPAQRVTLELKGCPVDANGFCPVDKFNAVMNNAAKRSGHHHHHH
;
_entity_poly.pdbx_strand_id   A,B
#
loop_
_chem_comp.id
_chem_comp.type
_chem_comp.name
_chem_comp.formula
CA non-polymer 'CALCIUM ION' 'Ca 2'
IHP non-polymer 'INOSITOL HEXAKISPHOSPHATE' 'C6 H18 O24 P6'
PO4 non-polymer 'PHOSPHATE ION' 'O4 P -3'
#
# COMPACT_ATOMS: atom_id res chain seq x y z
N SER A 1 5.33 5.37 27.59
CA SER A 1 4.28 5.78 28.55
C SER A 1 4.66 5.34 29.97
N PRO A 2 4.61 6.28 30.94
CA PRO A 2 4.79 5.83 32.33
C PRO A 2 3.76 4.79 32.83
N GLU A 3 4.15 4.15 33.91
CA GLU A 3 3.42 3.19 34.75
C GLU A 3 2.01 3.66 35.13
N GLY A 4 1.01 2.88 34.78
CA GLY A 4 -0.38 3.29 34.91
C GLY A 4 -0.86 4.32 33.89
N TYR A 5 -0.02 4.70 32.92
CA TYR A 5 -0.50 5.58 31.84
C TYR A 5 -1.20 4.71 30.82
N GLN A 6 -2.37 5.15 30.37
CA GLN A 6 -3.17 4.49 29.36
C GLN A 6 -3.57 5.52 28.27
N LEU A 7 -3.15 5.25 27.03
CA LEU A 7 -3.49 6.15 25.89
C LEU A 7 -4.93 5.85 25.58
N GLU A 8 -5.81 6.85 25.37
CA GLU A 8 -7.24 6.70 25.09
C GLU A 8 -7.78 7.34 23.81
N GLN A 9 -7.17 8.44 23.34
CA GLN A 9 -7.60 9.02 22.07
C GLN A 9 -6.41 9.58 21.29
N VAL A 10 -6.46 9.50 19.97
CA VAL A 10 -5.38 10.15 19.17
C VAL A 10 -5.98 10.90 18.01
N LEU A 11 -5.39 12.05 17.60
CA LEU A 11 -5.75 12.70 16.34
C LEU A 11 -4.41 12.86 15.61
N ILE A 12 -4.40 12.40 14.35
CA ILE A 12 -3.16 12.40 13.50
C ILE A 12 -3.46 13.40 12.37
N MET A 13 -2.74 14.54 12.37
CA MET A 13 -2.89 15.56 11.35
C MET A 13 -1.67 15.29 10.46
N SER A 14 -1.90 14.82 9.26
CA SER A 14 -0.85 14.39 8.36
C SER A 14 -0.70 15.30 7.15
N ARG A 15 0.53 15.37 6.64
CA ARG A 15 0.77 15.88 5.28
C ARG A 15 0.65 14.72 4.35
N ALA A 16 0.26 14.94 3.07
CA ALA A 16 0.45 13.91 2.07
C ALA A 16 1.93 13.39 2.04
N ASN A 17 2.10 12.14 1.59
CA ASN A 17 3.40 11.58 1.34
C ASN A 17 3.91 11.99 -0.02
N LEU A 18 4.86 11.22 -0.52
CA LEU A 18 5.69 11.65 -1.66
C LEU A 18 4.87 11.87 -2.93
N ARG A 19 4.97 13.09 -3.48
CA ARG A 19 4.21 13.50 -4.70
C ARG A 19 5.20 14.07 -5.74
N ALA A 20 4.81 14.03 -6.99
CA ALA A 20 5.51 14.77 -8.05
C ALA A 20 5.41 16.29 -7.82
N PRO A 21 6.45 17.06 -8.26
CA PRO A 21 6.43 18.53 -8.14
C PRO A 21 5.14 19.17 -8.72
N LEU A 22 4.61 20.18 -8.02
CA LEU A 22 3.33 20.77 -8.40
C LEU A 22 3.30 21.24 -9.86
N ALA A 23 2.22 20.87 -10.55
CA ALA A 23 2.08 21.17 -11.98
C ALA A 23 2.09 22.69 -12.16
N ASN A 24 1.54 23.42 -11.17
CA ASN A 24 1.46 24.89 -11.24
C ASN A 24 2.81 25.63 -11.23
N ASN A 25 3.86 24.93 -10.79
CA ASN A 25 5.25 25.50 -10.89
C ASN A 25 6.00 25.15 -12.15
N GLY A 26 5.36 24.39 -13.03
CA GLY A 26 6.03 23.85 -14.22
C GLY A 26 6.72 24.95 -15.00
N SER A 27 6.06 26.07 -15.17
CA SER A 27 6.63 27.06 -16.10
C SER A 27 7.75 27.88 -15.40
N VAL A 28 7.61 28.09 -14.08
CA VAL A 28 8.72 28.71 -13.34
C VAL A 28 9.95 27.83 -13.41
N LEU A 29 9.76 26.51 -13.21
CA LEU A 29 10.90 25.56 -13.27
C LEU A 29 11.52 25.68 -14.68
N GLU A 30 10.67 25.79 -15.69
CA GLU A 30 11.17 25.84 -17.08
C GLU A 30 11.93 27.14 -17.35
N GLN A 31 11.40 28.25 -16.86
CA GLN A 31 12.06 29.57 -17.02
C GLN A 31 13.35 29.74 -16.20
N SER A 32 13.54 28.89 -15.18
CA SER A 32 14.63 29.13 -14.25
C SER A 32 15.90 28.42 -14.67
N THR A 33 15.83 27.60 -15.68
CA THR A 33 17.05 26.92 -16.07
C THR A 33 17.01 26.44 -17.52
N PRO A 34 18.17 26.39 -18.21
CA PRO A 34 18.14 25.79 -19.57
C PRO A 34 18.18 24.25 -19.51
N LYS A 35 18.42 23.67 -18.34
CA LYS A 35 18.48 22.21 -18.20
C LYS A 35 17.14 21.52 -18.26
N GLN A 36 17.21 20.25 -18.50
CA GLN A 36 16.04 19.45 -18.60
C GLN A 36 15.67 18.92 -17.22
N TRP A 37 14.39 19.04 -16.87
CA TRP A 37 13.88 18.38 -15.65
C TRP A 37 13.56 16.91 -15.88
N PRO A 38 14.11 16.02 -15.06
CA PRO A 38 13.71 14.62 -15.05
C PRO A 38 12.18 14.41 -14.95
N GLU A 39 11.69 13.42 -15.68
CA GLU A 39 10.29 13.17 -15.79
C GLU A 39 9.89 12.29 -14.60
N TRP A 40 8.65 12.48 -14.14
CA TRP A 40 8.05 11.73 -13.03
C TRP A 40 7.00 10.75 -13.58
N GLU A 41 6.71 9.75 -12.77
CA GLU A 41 5.86 8.67 -13.17
C GLU A 41 4.41 9.14 -13.18
N VAL A 42 4.09 10.25 -12.53
CA VAL A 42 2.71 10.74 -12.48
C VAL A 42 2.69 12.24 -12.79
N PRO A 43 1.50 12.81 -13.14
CA PRO A 43 1.31 14.26 -13.32
C PRO A 43 1.66 15.03 -12.07
N GLY A 44 2.10 16.28 -12.22
CA GLY A 44 2.45 17.07 -11.10
C GLY A 44 1.39 17.12 -10.00
N GLY A 45 1.83 17.03 -8.76
CA GLY A 45 0.93 17.16 -7.65
C GLY A 45 0.28 15.84 -7.25
N GLN A 46 0.53 14.76 -8.02
CA GLN A 46 -0.04 13.48 -7.65
C GLN A 46 0.95 12.69 -6.77
N LEU A 47 0.42 11.81 -5.93
CA LEU A 47 1.23 10.95 -5.16
C LEU A 47 1.99 10.05 -6.10
N THR A 48 3.21 9.64 -5.73
CA THR A 48 3.84 8.60 -6.55
C THR A 48 3.60 7.27 -5.87
N THR A 49 3.88 6.19 -6.63
CA THR A 49 3.74 4.81 -6.06
C THR A 49 4.65 4.64 -4.86
N LYS A 50 5.89 5.16 -4.94
CA LYS A 50 6.76 5.15 -3.74
C LYS A 50 6.15 5.87 -2.53
N GLY A 51 5.51 7.03 -2.80
CA GLY A 51 4.78 7.78 -1.71
C GLY A 51 3.82 6.86 -1.00
N GLY A 52 3.12 6.06 -1.80
CA GLY A 52 2.21 5.06 -1.33
C GLY A 52 2.85 4.04 -0.41
N VAL A 53 3.97 3.52 -0.84
CA VAL A 53 4.66 2.44 -0.04
C VAL A 53 5.16 3.04 1.23
N LEU A 54 5.66 4.26 1.11
CA LEU A 54 6.22 4.97 2.24
C LEU A 54 5.10 5.25 3.21
N GLU A 55 3.91 5.55 2.69
CA GLU A 55 2.85 5.80 3.63
C GLU A 55 2.29 4.48 4.22
N VAL A 56 2.33 3.39 3.44
CA VAL A 56 1.95 2.07 3.97
C VAL A 56 2.84 1.79 5.21
N TYR A 57 4.12 2.05 5.09
CA TYR A 57 5.06 1.87 6.26
C TYR A 57 4.72 2.73 7.47
N MET A 58 4.33 3.99 7.25
CA MET A 58 3.87 4.87 8.34
C MET A 58 2.58 4.33 9.00
N GLY A 59 1.65 3.81 8.20
CA GLY A 59 0.43 3.14 8.71
C GLY A 59 0.83 1.94 9.58
N HIS A 60 1.70 1.07 9.08
CA HIS A 60 2.01 -0.12 9.83
C HIS A 60 2.71 0.30 11.10
N TYR A 61 3.64 1.24 10.99
CA TYR A 61 4.32 1.77 12.21
C TYR A 61 3.30 2.29 13.24
N MET A 62 2.38 3.13 12.82
CA MET A 62 1.38 3.70 13.74
C MET A 62 0.51 2.60 14.32
N ARG A 63 0.27 1.57 13.51
CA ARG A 63 -0.55 0.44 14.02
C ARG A 63 0.16 -0.27 15.16
N GLU A 64 1.43 -0.56 14.96
CA GLU A 64 2.21 -1.30 15.92
C GLU A 64 2.29 -0.43 17.18
N TRP A 65 2.56 0.85 17.03
CA TRP A 65 2.50 1.80 18.20
C TRP A 65 1.15 1.82 18.95
N LEU A 66 0.08 1.96 18.21
CA LEU A 66 -1.26 1.97 18.83
C LEU A 66 -1.57 0.65 19.60
N ALA A 67 -1.08 -0.46 19.09
CA ALA A 67 -1.19 -1.79 19.75
C ALA A 67 -0.24 -1.93 20.92
N GLN A 68 0.96 -1.37 20.82
CA GLN A 68 1.87 -1.32 21.98
C GLN A 68 1.18 -0.59 23.16
N GLN A 69 0.45 0.47 22.81
CA GLN A 69 -0.21 1.31 23.80
C GLN A 69 -1.63 0.87 24.21
N GLY A 70 -2.11 -0.27 23.69
CA GLY A 70 -3.41 -0.87 24.00
C GLY A 70 -4.58 -0.19 23.35
N MET A 71 -4.32 0.58 22.31
CA MET A 71 -5.42 1.34 21.68
C MET A 71 -6.17 0.48 20.69
N VAL A 72 -5.49 -0.51 20.12
CA VAL A 72 -6.07 -1.40 19.12
C VAL A 72 -5.43 -2.73 19.46
N LYS A 73 -6.14 -3.82 19.21
CA LYS A 73 -5.62 -5.13 19.60
C LYS A 73 -4.89 -5.71 18.39
N THR A 74 -3.72 -6.31 18.60
CA THR A 74 -3.00 -6.98 17.48
C THR A 74 -3.94 -8.03 16.85
N GLY A 75 -3.90 -8.16 15.53
CA GLY A 75 -4.62 -9.24 14.92
C GLY A 75 -6.14 -9.17 14.94
N GLU A 76 -6.70 -7.98 15.14
CA GLU A 76 -8.12 -7.80 14.82
C GLU A 76 -8.43 -6.37 14.38
N CYS A 77 -9.55 -6.17 13.70
CA CYS A 77 -9.94 -4.84 13.27
C CYS A 77 -10.52 -4.03 14.41
N PRO A 78 -10.25 -2.71 14.44
CA PRO A 78 -10.93 -1.84 15.39
C PRO A 78 -12.42 -1.88 15.20
N ALA A 79 -13.14 -1.50 16.27
CA ALA A 79 -14.60 -1.37 16.26
C ALA A 79 -15.06 -0.48 15.11
N ALA A 80 -16.17 -0.84 14.50
CA ALA A 80 -16.82 0.03 13.51
C ALA A 80 -16.92 1.51 14.00
N ASP A 81 -16.55 2.44 13.12
CA ASP A 81 -16.68 3.86 13.41
C ASP A 81 -15.67 4.36 14.46
N SER A 82 -14.84 3.49 15.06
CA SER A 82 -13.82 4.00 16.04
C SER A 82 -12.58 4.67 15.37
N VAL A 83 -12.44 4.48 14.06
CA VAL A 83 -11.38 5.15 13.29
C VAL A 83 -12.05 6.03 12.27
N TYR A 84 -11.77 7.33 12.31
CA TYR A 84 -12.34 8.21 11.34
C TYR A 84 -11.23 8.89 10.47
N ALA A 85 -11.25 8.62 9.20
CA ALA A 85 -10.26 9.16 8.27
C ALA A 85 -10.94 10.17 7.33
N TYR A 86 -10.35 11.36 7.26
CA TYR A 86 -10.93 12.46 6.48
C TYR A 86 -9.73 13.16 5.75
N ALA A 87 -9.78 13.18 4.41
CA ALA A 87 -8.69 13.72 3.59
C ALA A 87 -9.23 14.91 2.84
N ASN A 88 -8.36 15.88 2.56
CA ASN A 88 -8.68 16.80 1.50
C ASN A 88 -9.03 16.16 0.13
N SER A 89 -9.99 16.76 -0.61
CA SER A 89 -10.43 16.14 -1.89
C SER A 89 -9.44 16.34 -3.07
N LEU A 90 -8.17 16.05 -2.83
CA LEU A 90 -7.22 15.99 -3.92
C LEU A 90 -6.66 14.58 -4.04
N GLN A 91 -6.20 14.26 -5.22
CA GLN A 91 -5.69 12.93 -5.48
C GLN A 91 -4.63 12.57 -4.40
N ARG A 92 -3.74 13.51 -4.09
CA ARG A 92 -2.56 13.06 -3.26
C ARG A 92 -2.94 12.81 -1.81
N THR A 93 -3.88 13.61 -1.32
CA THR A 93 -4.25 13.51 0.05
C THR A 93 -5.16 12.34 0.26
N VAL A 94 -6.10 12.10 -0.66
CA VAL A 94 -6.96 10.92 -0.55
CA VAL A 94 -6.95 10.92 -0.55
C VAL A 94 -6.10 9.68 -0.73
N ALA A 95 -5.15 9.71 -1.67
CA ALA A 95 -4.25 8.54 -1.81
C ALA A 95 -3.45 8.32 -0.56
N THR A 96 -2.93 9.37 0.03
CA THR A 96 -2.14 9.06 1.22
C THR A 96 -2.98 8.49 2.35
N ALA A 97 -4.23 8.93 2.47
CA ALA A 97 -5.12 8.41 3.52
C ALA A 97 -5.40 6.91 3.27
N GLN A 98 -5.66 6.56 2.02
CA GLN A 98 -5.94 5.16 1.66
C GLN A 98 -4.69 4.24 1.96
N PHE A 99 -3.51 4.67 1.54
CA PHE A 99 -2.31 3.88 1.82
C PHE A 99 -2.07 3.81 3.34
N PHE A 100 -2.28 4.93 4.09
CA PHE A 100 -2.07 4.92 5.54
C PHE A 100 -3.05 3.89 6.14
N ILE A 101 -4.33 4.06 5.85
CA ILE A 101 -5.33 3.22 6.46
C ILE A 101 -5.21 1.75 6.07
N THR A 102 -4.81 1.49 4.83
CA THR A 102 -4.54 0.10 4.42
C THR A 102 -3.31 -0.47 5.18
N GLY A 103 -2.20 0.28 5.28
CA GLY A 103 -1.01 -0.20 6.03
C GLY A 103 -1.34 -0.42 7.51
N ALA A 104 -2.18 0.46 8.07
CA ALA A 104 -2.50 0.39 9.49
C ALA A 104 -3.61 -0.58 9.87
N PHE A 105 -4.66 -0.65 9.07
CA PHE A 105 -5.78 -1.54 9.34
C PHE A 105 -6.09 -2.41 8.11
N PRO A 106 -5.10 -3.17 7.65
CA PRO A 106 -5.29 -3.96 6.46
C PRO A 106 -6.39 -4.96 6.69
N GLY A 107 -7.25 -5.14 5.69
CA GLY A 107 -8.27 -6.16 5.81
C GLY A 107 -9.51 -5.67 6.57
N CYS A 108 -9.50 -4.43 6.98
CA CYS A 108 -10.63 -3.88 7.84
C CYS A 108 -11.42 -2.94 7.00
N ASP A 109 -12.67 -2.72 7.36
CA ASP A 109 -13.52 -1.81 6.59
C ASP A 109 -13.48 -0.39 7.20
N VAL A 110 -12.62 0.47 6.67
CA VAL A 110 -12.38 1.80 7.25
C VAL A 110 -12.31 2.73 6.02
N PRO A 111 -13.45 3.46 5.77
CA PRO A 111 -13.52 4.36 4.61
C PRO A 111 -12.63 5.62 4.75
N VAL A 112 -12.21 6.16 3.61
CA VAL A 112 -11.59 7.48 3.59
C VAL A 112 -12.67 8.45 3.16
N HIS A 113 -13.04 9.34 4.08
CA HIS A 113 -14.04 10.37 3.81
C HIS A 113 -13.39 11.59 3.15
N HIS A 114 -14.12 12.15 2.19
CA HIS A 114 -13.67 13.41 1.57
C HIS A 114 -14.89 13.99 0.92
N GLN A 115 -14.82 15.27 0.65
CA GLN A 115 -15.96 15.89 -0.02
C GLN A 115 -15.99 15.38 -1.44
N GLU A 116 -17.16 15.24 -2.09
CA GLU A 116 -17.08 14.85 -3.51
CA GLU A 116 -17.08 14.87 -3.51
C GLU A 116 -16.54 16.06 -4.26
N LYS A 117 -16.34 15.97 -5.53
CA LYS A 117 -15.70 17.16 -6.14
C LYS A 117 -14.19 17.11 -5.83
N MET A 118 -13.66 15.96 -6.15
CA MET A 118 -12.21 15.77 -6.14
CA MET A 118 -12.22 15.70 -6.22
C MET A 118 -11.56 16.74 -7.12
N GLY A 119 -10.32 17.13 -6.84
CA GLY A 119 -9.67 18.15 -7.64
C GLY A 119 -10.04 19.57 -7.21
N THR A 120 -10.95 19.73 -6.27
CA THR A 120 -11.23 21.03 -5.64
C THR A 120 -10.84 20.99 -4.16
N MET A 121 -10.47 22.14 -3.57
CA MET A 121 -10.08 22.23 -2.17
C MET A 121 -11.30 22.15 -1.26
N ASP A 122 -11.17 21.35 -0.21
CA ASP A 122 -12.15 21.26 0.81
C ASP A 122 -11.76 22.40 1.73
N PRO A 123 -12.74 23.28 2.02
CA PRO A 123 -12.56 24.35 3.01
C PRO A 123 -11.87 24.02 4.33
N THR A 124 -12.09 22.81 4.89
CA THR A 124 -11.40 22.46 6.11
C THR A 124 -9.87 22.55 5.90
N PHE A 125 -9.44 22.10 4.71
CA PHE A 125 -8.00 21.99 4.43
C PHE A 125 -7.48 23.12 3.54
N ASN A 126 -8.32 24.14 3.28
CA ASN A 126 -7.97 25.19 2.32
C ASN A 126 -7.38 26.36 3.10
N PRO A 127 -6.03 26.57 3.00
CA PRO A 127 -5.34 27.52 3.84
C PRO A 127 -5.54 28.97 3.27
N VAL A 128 -6.81 29.36 3.07
CA VAL A 128 -7.11 30.64 2.39
C VAL A 128 -7.53 31.73 3.35
N ILE A 129 -7.28 32.95 2.88
CA ILE A 129 -7.67 34.16 3.58
C ILE A 129 -9.18 34.29 3.47
N THR A 130 -9.77 34.51 4.61
CA THR A 130 -11.19 34.28 4.73
C THR A 130 -11.75 35.56 5.33
N ASP A 131 -10.93 36.59 5.24
CA ASP A 131 -11.24 37.93 5.69
C ASP A 131 -10.95 38.92 4.54
N ASN A 132 -11.99 39.62 4.09
CA ASN A 132 -11.87 40.56 2.96
C ASN A 132 -11.62 42.01 3.36
N SER A 133 -11.46 42.26 4.66
CA SER A 133 -11.21 43.61 5.16
C SER A 133 -9.83 44.14 4.76
N PRO A 134 -9.77 45.38 4.26
CA PRO A 134 -8.44 45.96 4.03
C PRO A 134 -7.57 46.11 5.29
N GLU A 135 -8.14 46.16 6.49
CA GLU A 135 -7.29 46.27 7.71
C GLU A 135 -6.70 44.91 8.14
N PHE A 136 -7.24 43.81 7.62
CA PHE A 136 -6.64 42.51 7.93
C PHE A 136 -5.28 42.45 7.21
N ARG A 137 -5.38 42.60 5.90
CA ARG A 137 -4.23 42.73 5.01
C ARG A 137 -3.02 43.48 5.57
N GLU A 138 -3.20 44.71 6.02
CA GLU A 138 -2.03 45.49 6.36
C GLU A 138 -1.26 44.92 7.56
N LYS A 139 -1.98 44.33 8.52
CA LYS A 139 -1.34 43.69 9.65
C LYS A 139 -0.60 42.45 9.14
N ALA A 140 -1.22 41.78 8.17
CA ALA A 140 -0.78 40.50 7.60
C ALA A 140 0.43 40.68 6.68
N LEU A 141 0.24 41.45 5.60
CA LEU A 141 1.32 41.85 4.70
C LEU A 141 2.58 42.22 5.47
N LYS A 142 2.42 43.00 6.53
CA LYS A 142 3.50 43.38 7.40
C LYS A 142 4.07 42.28 8.31
N ALA A 143 3.20 41.39 8.75
CA ALA A 143 3.64 40.32 9.56
C ALA A 143 4.48 39.36 8.65
N MET A 144 4.04 39.15 7.41
CA MET A 144 4.81 38.35 6.43
C MET A 144 6.17 38.99 6.09
N GLU A 145 6.17 40.28 5.80
CA GLU A 145 7.46 40.97 5.54
C GLU A 145 8.40 40.87 6.74
N THR A 146 7.83 41.02 7.93
CA THR A 146 8.56 40.85 9.19
C THR A 146 9.22 39.45 9.37
N GLU A 147 8.46 38.40 9.14
CA GLU A 147 9.02 37.04 9.16
C GLU A 147 10.12 36.92 8.06
N ARG A 148 9.81 37.38 6.85
CA ARG A 148 10.78 37.28 5.72
C ARG A 148 12.13 37.97 6.09
N GLN A 149 12.06 39.16 6.72
CA GLN A 149 13.25 39.94 7.10
C GLN A 149 14.17 39.28 8.15
N LYS A 150 13.67 38.29 8.86
CA LYS A 150 14.50 37.56 9.78
C LYS A 150 15.38 36.55 9.05
N MET A 151 15.16 36.31 7.75
CA MET A 151 15.87 35.21 7.09
C MET A 151 16.96 35.82 6.22
N GLN A 152 18.13 35.17 6.21
CA GLN A 152 19.25 35.56 5.29
C GLN A 152 19.43 34.50 4.17
N LEU A 153 18.92 34.81 2.99
CA LEU A 153 18.77 33.84 1.93
C LEU A 153 19.74 34.08 0.79
N THR A 154 20.57 35.14 0.86
CA THR A 154 21.42 35.49 -0.25
C THR A 154 22.31 34.34 -0.69
N GLU A 155 22.96 33.69 0.28
CA GLU A 155 23.84 32.54 -0.08
C GLU A 155 23.06 31.39 -0.77
N SER A 156 21.82 31.14 -0.32
CA SER A 156 20.96 30.13 -0.91
C SER A 156 20.67 30.46 -2.39
N TYR A 157 20.37 31.73 -2.65
CA TYR A 157 20.04 32.08 -3.99
C TYR A 157 21.28 32.01 -4.88
N LYS A 158 22.47 32.38 -4.35
CA LYS A 158 23.65 32.30 -5.21
C LYS A 158 23.98 30.83 -5.52
N LEU A 159 23.84 29.98 -4.52
CA LEU A 159 24.00 28.54 -4.71
C LEU A 159 23.03 27.94 -5.74
N LEU A 160 21.76 28.27 -5.58
CA LEU A 160 20.75 27.84 -6.52
C LEU A 160 21.05 28.29 -7.95
N GLU A 161 21.53 29.53 -8.12
CA GLU A 161 21.82 30.09 -9.46
C GLU A 161 22.98 29.33 -10.12
N GLN A 162 23.95 28.97 -9.29
CA GLN A 162 25.11 28.20 -9.67
C GLN A 162 24.72 26.81 -10.17
N MET A 163 23.89 26.13 -9.40
CA MET A 163 23.45 24.78 -9.70
C MET A 163 22.54 24.68 -10.87
N THR A 164 21.83 25.75 -11.17
CA THR A 164 20.86 25.66 -12.24
C THR A 164 21.36 26.27 -13.51
N ASN A 165 22.58 26.81 -13.47
CA ASN A 165 23.05 27.68 -14.56
C ASN A 165 21.96 28.70 -14.95
N TYR A 166 21.47 29.37 -13.91
CA TYR A 166 20.46 30.39 -14.03
C TYR A 166 20.90 31.52 -15.00
N ALA A 167 22.21 31.83 -15.04
CA ALA A 167 22.79 32.72 -16.07
C ALA A 167 22.27 32.43 -17.47
N ASP A 168 22.15 31.14 -17.86
CA ASP A 168 21.58 30.77 -19.17
C ASP A 168 20.10 30.50 -19.23
N SER A 169 19.35 30.83 -18.17
CA SER A 169 17.92 30.52 -18.15
C SER A 169 17.21 31.52 -19.03
N PRO A 170 15.99 31.14 -19.48
CA PRO A 170 15.03 32.09 -20.09
C PRO A 170 14.87 33.34 -19.26
N SER A 171 14.63 33.20 -17.95
CA SER A 171 14.47 34.35 -17.01
C SER A 171 15.58 35.40 -17.15
N CYS A 172 16.81 34.95 -17.34
CA CYS A 172 17.92 35.88 -17.37
C CYS A 172 18.21 36.24 -18.81
N LYS A 173 18.24 35.27 -19.73
CA LYS A 173 18.64 35.56 -21.17
C LYS A 173 17.58 36.31 -21.94
N GLU A 174 16.35 36.04 -21.58
CA GLU A 174 15.21 36.66 -22.26
C GLU A 174 14.58 37.80 -21.47
N LYS A 175 14.40 37.60 -20.16
CA LYS A 175 13.60 38.52 -19.38
C LYS A 175 14.51 39.44 -18.63
N LYS A 176 15.83 39.18 -18.73
CA LYS A 176 16.86 39.98 -18.10
C LYS A 176 16.73 40.05 -16.58
N VAL A 177 16.03 39.07 -15.97
CA VAL A 177 16.06 38.94 -14.53
C VAL A 177 17.28 38.04 -14.18
N CYS A 178 18.41 38.67 -13.83
CA CYS A 178 19.67 37.93 -13.83
C CYS A 178 20.32 37.71 -12.45
N SER A 179 19.59 38.05 -11.40
CA SER A 179 19.99 37.74 -10.02
C SER A 179 18.73 37.48 -9.21
N LEU A 180 18.64 36.28 -8.64
CA LEU A 180 17.66 36.05 -7.54
C LEU A 180 17.87 36.92 -6.29
N ALA A 181 19.10 37.11 -5.75
CA ALA A 181 19.23 38.03 -4.54
C ALA A 181 18.89 39.49 -4.75
N ASP A 182 19.21 40.02 -5.92
CA ASP A 182 18.95 41.43 -6.11
C ASP A 182 17.49 41.68 -6.28
N ALA A 183 16.74 40.66 -6.71
CA ALA A 183 15.31 40.83 -6.91
C ALA A 183 14.54 40.91 -5.59
N LYS A 184 13.36 41.49 -5.68
CA LYS A 184 12.56 41.78 -4.49
C LYS A 184 11.29 40.92 -4.44
N ASP A 185 10.77 40.77 -3.23
CA ASP A 185 9.61 40.00 -3.00
C ASP A 185 8.41 40.90 -2.78
N THR A 186 7.27 40.43 -3.25
CA THR A 186 6.00 41.13 -2.91
C THR A 186 4.95 40.16 -2.37
N PHE A 187 4.60 40.30 -1.10
CA PHE A 187 3.58 39.44 -0.50
C PHE A 187 2.16 39.80 -0.91
N SER A 188 1.24 38.86 -0.76
CA SER A 188 -0.17 39.18 -0.96
C SER A 188 -0.98 38.44 0.12
N ALA A 189 -2.12 39.03 0.46
CA ALA A 189 -3.12 38.40 1.24
C ALA A 189 -4.49 38.66 0.59
N ASP A 190 -4.81 37.97 -0.50
CA ASP A 190 -6.02 38.23 -1.30
C ASP A 190 -7.20 37.32 -0.95
N TYR A 191 -8.37 37.92 -0.79
CA TYR A 191 -9.53 37.27 -0.23
C TYR A 191 -9.83 35.95 -0.92
N GLU A 192 -9.98 34.91 -0.10
CA GLU A 192 -10.17 33.55 -0.64
C GLU A 192 -9.03 33.01 -1.47
N LYS A 193 -7.84 33.61 -1.30
CA LYS A 193 -6.61 32.98 -1.83
C LYS A 193 -5.68 32.65 -0.65
N GLU A 194 -4.76 31.73 -0.90
CA GLU A 194 -3.72 31.45 0.08
C GLU A 194 -2.88 32.73 0.20
N PRO A 195 -2.31 33.05 1.40
CA PRO A 195 -1.24 34.04 1.42
C PRO A 195 -0.19 33.66 0.40
N GLY A 196 0.46 34.68 -0.17
CA GLY A 196 1.21 34.48 -1.40
C GLY A 196 2.48 35.33 -1.43
N VAL A 197 3.48 34.90 -2.20
CA VAL A 197 4.65 35.76 -2.49
C VAL A 197 4.98 35.65 -3.93
N SER A 198 5.19 36.84 -4.52
CA SER A 198 5.66 36.97 -5.85
C SER A 198 7.15 37.25 -5.85
N GLY A 199 7.94 36.59 -6.69
CA GLY A 199 9.34 36.96 -6.83
C GLY A 199 10.34 35.83 -6.56
N PRO A 200 11.60 36.14 -6.30
CA PRO A 200 12.63 35.08 -6.22
C PRO A 200 12.35 34.05 -5.10
N LEU A 201 11.66 34.44 -4.04
CA LEU A 201 11.28 33.46 -2.95
C LEU A 201 10.37 32.35 -3.51
N LYS A 202 9.44 32.70 -4.40
CA LYS A 202 8.61 31.62 -4.97
CA LYS A 202 8.57 31.71 -5.11
C LYS A 202 9.44 30.78 -5.97
N VAL A 203 10.33 31.42 -6.73
CA VAL A 203 11.18 30.67 -7.62
C VAL A 203 12.00 29.67 -6.77
N GLY A 204 12.65 30.17 -5.72
CA GLY A 204 13.52 29.33 -4.88
C GLY A 204 12.75 28.15 -4.30
N ASN A 205 11.54 28.42 -3.82
CA ASN A 205 10.75 27.39 -3.18
C ASN A 205 10.43 26.34 -4.23
N SER A 206 10.00 26.79 -5.42
CA SER A 206 9.59 25.85 -6.44
C SER A 206 10.73 24.91 -6.80
N LEU A 207 11.91 25.48 -7.04
CA LEU A 207 13.01 24.66 -7.46
C LEU A 207 13.48 23.69 -6.34
N VAL A 208 13.61 24.22 -5.16
CA VAL A 208 14.20 23.44 -4.08
C VAL A 208 13.18 22.38 -3.60
N ASP A 209 11.89 22.72 -3.65
CA ASP A 209 10.86 21.63 -3.48
C ASP A 209 11.09 20.52 -4.47
N ALA A 210 11.32 20.86 -5.72
CA ALA A 210 11.53 19.78 -6.71
C ALA A 210 12.78 18.95 -6.40
N PHE A 211 13.88 19.59 -6.04
CA PHE A 211 15.09 18.82 -5.70
C PHE A 211 14.83 17.87 -4.52
N THR A 212 14.23 18.42 -3.47
CA THR A 212 13.94 17.61 -2.27
C THR A 212 13.16 16.34 -2.67
N LEU A 213 12.05 16.53 -3.40
CA LEU A 213 11.23 15.45 -3.96
C LEU A 213 11.98 14.43 -4.84
N GLN A 214 12.87 14.92 -5.70
CA GLN A 214 13.74 13.97 -6.48
C GLN A 214 14.55 13.12 -5.57
N TYR A 215 15.09 13.71 -4.52
CA TYR A 215 15.95 12.97 -3.64
C TYR A 215 15.13 11.82 -2.94
N TYR A 216 13.96 12.20 -2.37
CA TYR A 216 13.04 11.22 -1.77
C TYR A 216 12.60 10.12 -2.70
N GLU A 217 12.27 10.48 -3.95
CA GLU A 217 11.77 9.56 -4.91
C GLU A 217 12.84 8.51 -5.35
N GLY A 218 14.11 8.79 -5.04
CA GLY A 218 15.16 7.81 -5.32
C GLY A 218 15.64 7.98 -6.78
N PHE A 219 15.48 9.16 -7.36
CA PHE A 219 16.18 9.40 -8.67
C PHE A 219 17.66 9.11 -8.39
N PRO A 220 18.42 8.63 -9.40
CA PRO A 220 19.84 8.48 -9.13
C PRO A 220 20.49 9.83 -8.85
N ALA A 221 21.65 9.81 -8.18
CA ALA A 221 22.40 11.05 -7.81
C ALA A 221 22.57 12.07 -8.94
N ASP A 222 22.86 11.61 -10.16
CA ASP A 222 23.10 12.56 -11.24
C ASP A 222 21.80 13.19 -11.73
N GLN A 223 20.65 12.66 -11.29
CA GLN A 223 19.34 13.17 -11.70
C GLN A 223 18.60 13.88 -10.53
N VAL A 224 19.23 14.02 -9.39
CA VAL A 224 18.67 14.96 -8.41
CA VAL A 224 18.70 14.96 -8.38
C VAL A 224 19.48 16.24 -8.59
N ALA A 225 18.78 17.30 -8.95
CA ALA A 225 19.36 18.61 -9.17
C ALA A 225 20.63 18.43 -10.03
N TRP A 226 20.50 17.60 -11.06
CA TRP A 226 21.59 17.37 -12.09
C TRP A 226 22.93 16.97 -11.48
N GLY A 227 22.84 16.28 -10.33
CA GLY A 227 24.03 15.88 -9.52
C GLY A 227 24.74 17.03 -8.89
N GLU A 228 24.10 18.18 -8.73
CA GLU A 228 24.87 19.35 -8.31
C GLU A 228 25.01 19.42 -6.78
N ILE A 229 24.16 18.73 -6.05
CA ILE A 229 24.18 18.92 -4.61
C ILE A 229 25.06 17.82 -4.00
N LYS A 230 26.20 18.18 -3.44
CA LYS A 230 27.20 17.16 -3.07
C LYS A 230 27.26 16.93 -1.56
N THR A 231 26.80 17.92 -0.82
CA THR A 231 27.12 18.06 0.58
C THR A 231 25.83 18.25 1.36
N ASP A 232 25.76 17.63 2.53
CA ASP A 232 24.60 17.85 3.38
C ASP A 232 24.44 19.33 3.76
N GLN A 233 25.53 20.06 4.00
CA GLN A 233 25.45 21.51 4.16
C GLN A 233 24.82 22.25 2.96
N GLN A 234 25.09 21.77 1.73
CA GLN A 234 24.50 22.44 0.56
C GLN A 234 23.02 22.18 0.63
N TRP A 235 22.63 20.96 1.05
CA TRP A 235 21.17 20.75 1.18
C TRP A 235 20.64 21.76 2.15
N ARG A 236 21.35 21.93 3.24
CA ARG A 236 20.83 22.81 4.33
C ARG A 236 20.75 24.26 3.85
N VAL A 237 21.75 24.74 3.11
CA VAL A 237 21.57 26.06 2.65
C VAL A 237 20.41 26.20 1.64
N LEU A 238 20.23 25.21 0.78
CA LEU A 238 19.15 25.34 -0.24
C LEU A 238 17.82 25.30 0.47
N SER A 239 17.73 24.43 1.49
CA SER A 239 16.43 24.23 2.16
C SER A 239 15.97 25.48 2.84
N LYS A 240 16.87 26.41 3.16
CA LYS A 240 16.40 27.71 3.68
C LYS A 240 15.36 28.45 2.79
N LEU A 241 15.42 28.28 1.45
CA LEU A 241 14.49 28.96 0.52
C LEU A 241 13.06 28.41 0.66
N LYS A 242 13.00 27.08 0.75
CA LYS A 242 11.72 26.35 0.84
C LYS A 242 11.14 26.52 2.24
N ASN A 243 11.95 26.28 3.27
CA ASN A 243 11.45 26.60 4.63
C ASN A 243 11.15 28.07 4.81
N GLY A 244 11.94 28.93 4.18
CA GLY A 244 11.70 30.38 4.29
C GLY A 244 10.37 30.81 3.66
N TYR A 245 10.10 30.25 2.50
CA TYR A 245 8.84 30.51 1.78
C TYR A 245 7.65 30.10 2.72
N GLN A 246 7.65 28.83 3.14
CA GLN A 246 6.56 28.42 3.98
C GLN A 246 6.43 29.23 5.24
N ASP A 247 7.53 29.43 5.97
CA ASP A 247 7.52 30.24 7.17
C ASP A 247 7.00 31.68 6.87
N SER A 248 7.51 32.33 5.82
CA SER A 248 7.01 33.70 5.55
C SER A 248 5.48 33.68 5.36
N LEU A 249 4.95 32.70 4.62
CA LEU A 249 3.52 32.74 4.21
C LEU A 249 2.55 32.26 5.27
N PHE A 250 2.97 31.28 6.05
CA PHE A 250 1.99 30.53 6.87
C PHE A 250 2.24 30.55 8.34
N THR A 251 3.26 31.26 8.78
CA THR A 251 3.76 31.16 10.11
C THR A 251 3.68 32.46 10.99
N SER A 252 3.36 33.59 10.39
CA SER A 252 3.06 34.81 11.19
C SER A 252 1.73 34.52 11.88
N THR A 253 1.56 35.00 13.11
CA THR A 253 0.37 34.61 13.86
C THR A 253 -0.88 35.18 13.19
N GLU A 254 -0.79 36.42 12.71
CA GLU A 254 -2.02 37.02 12.19
C GLU A 254 -2.51 36.29 10.91
N VAL A 255 -1.62 35.88 10.01
CA VAL A 255 -2.06 35.01 8.89
C VAL A 255 -2.52 33.61 9.37
N ALA A 256 -1.72 32.99 10.22
CA ALA A 256 -1.95 31.56 10.60
C ALA A 256 -3.25 31.48 11.38
N GLN A 257 -3.48 32.42 12.29
CA GLN A 257 -4.80 32.44 12.98
C GLN A 257 -6.02 32.46 12.04
N ASN A 258 -5.97 33.21 10.94
CA ASN A 258 -7.13 33.28 10.04
C ASN A 258 -7.24 31.99 9.27
N VAL A 259 -6.12 31.61 8.68
CA VAL A 259 -6.14 30.67 7.61
C VAL A 259 -6.36 29.24 8.14
N ALA A 260 -6.00 29.00 9.39
CA ALA A 260 -6.10 27.65 10.04
C ALA A 260 -7.42 27.48 10.81
N LYS A 261 -8.25 28.53 10.89
CA LYS A 261 -9.51 28.46 11.70
C LYS A 261 -10.34 27.20 11.48
N PRO A 262 -10.61 26.82 10.24
CA PRO A 262 -11.41 25.61 10.07
C PRO A 262 -10.81 24.34 10.65
N LEU A 263 -9.49 24.18 10.50
CA LEU A 263 -8.86 23.01 11.03
C LEU A 263 -8.75 23.16 12.55
N VAL A 264 -8.52 24.36 13.03
CA VAL A 264 -8.46 24.57 14.46
C VAL A 264 -9.85 24.22 15.09
N LYS A 265 -10.92 24.55 14.37
CA LYS A 265 -12.31 24.36 14.85
C LYS A 265 -12.60 22.83 14.90
N TYR A 266 -12.20 22.16 13.84
CA TYR A 266 -12.34 20.72 13.76
C TYR A 266 -11.63 20.00 14.90
N ILE A 267 -10.38 20.40 15.14
CA ILE A 267 -9.57 19.70 16.10
C ILE A 267 -10.11 20.03 17.52
N ASP A 268 -10.63 21.25 17.67
CA ASP A 268 -11.24 21.60 18.94
C ASP A 268 -12.52 20.75 19.24
N LYS A 269 -13.31 20.43 18.21
CA LYS A 269 -14.52 19.62 18.41
C LYS A 269 -14.14 18.20 18.84
N THR A 270 -13.23 17.60 18.05
CA THR A 270 -12.83 16.22 18.23
C THR A 270 -12.09 15.99 19.54
N LEU A 271 -11.16 16.87 19.89
CA LEU A 271 -10.40 16.68 21.10
C LEU A 271 -10.97 17.37 22.35
N VAL A 272 -11.90 18.31 22.20
CA VAL A 272 -12.34 19.05 23.40
C VAL A 272 -13.85 19.00 23.58
N THR A 273 -14.56 19.73 22.72
CA THR A 273 -15.96 20.04 22.94
C THR A 273 -16.96 18.96 22.54
N GLU A 274 -16.62 18.10 21.56
CA GLU A 274 -17.50 16.97 21.17
C GLU A 274 -16.75 15.65 21.41
N GLN A 275 -15.85 15.71 22.36
CA GLN A 275 -14.87 14.65 22.55
C GLN A 275 -15.54 13.34 22.87
N ALA A 276 -16.69 13.42 23.54
CA ALA A 276 -17.35 12.24 24.10
C ALA A 276 -17.79 11.34 23.01
N LYS A 277 -18.46 11.92 22.01
CA LYS A 277 -18.98 11.20 20.88
C LYS A 277 -17.88 10.98 19.83
N ALA A 278 -16.64 11.39 20.13
CA ALA A 278 -15.56 11.43 19.08
C ALA A 278 -14.89 10.07 18.87
N PRO A 279 -14.49 9.76 17.62
CA PRO A 279 -13.79 8.51 17.30
C PRO A 279 -12.54 8.47 18.14
N LYS A 280 -12.16 7.29 18.63
CA LYS A 280 -10.93 7.07 19.38
C LYS A 280 -9.68 7.45 18.53
N ILE A 281 -9.76 7.18 17.23
CA ILE A 281 -8.65 7.47 16.30
C ILE A 281 -9.12 8.31 15.12
N THR A 282 -8.53 9.47 14.94
CA THR A 282 -8.87 10.31 13.77
C THR A 282 -7.60 10.53 12.97
N LEU A 283 -7.73 10.40 11.65
CA LEU A 283 -6.65 10.78 10.70
C LEU A 283 -7.21 11.90 9.81
N LEU A 284 -6.56 13.05 9.82
CA LEU A 284 -6.86 14.08 8.81
CA LEU A 284 -6.84 14.11 8.87
C LEU A 284 -5.69 14.16 7.87
N VAL A 285 -5.97 14.32 6.59
CA VAL A 285 -4.81 14.36 5.66
C VAL A 285 -4.95 15.60 4.84
N GLY A 286 -3.97 16.49 4.98
CA GLY A 286 -3.93 17.77 4.31
C GLY A 286 -2.54 18.10 3.81
N HIS A 287 -2.05 19.27 4.13
CA HIS A 287 -0.97 19.92 3.41
C HIS A 287 0.02 20.53 4.34
N ASP A 288 1.29 20.62 3.89
CA ASP A 288 2.27 21.31 4.66
C ASP A 288 1.79 22.64 5.24
N SER A 289 1.11 23.47 4.41
CA SER A 289 0.64 24.78 4.88
CA SER A 289 0.65 24.78 4.90
C SER A 289 -0.39 24.62 6.00
N ASN A 290 -1.17 23.54 5.96
CA ASN A 290 -2.10 23.29 7.08
C ASN A 290 -1.35 23.07 8.34
N ILE A 291 -0.29 22.23 8.31
CA ILE A 291 0.53 22.00 9.52
C ILE A 291 1.14 23.25 9.94
N ALA A 292 1.70 24.02 8.99
CA ALA A 292 2.48 25.18 9.42
C ALA A 292 1.57 26.19 10.16
N SER A 293 0.43 26.46 9.56
CA SER A 293 -0.49 27.48 10.09
C SER A 293 -1.21 26.95 11.35
N LEU A 294 -1.46 25.64 11.42
CA LEU A 294 -2.08 25.06 12.62
C LEU A 294 -1.18 25.26 13.80
N LEU A 295 0.10 24.89 13.67
CA LEU A 295 1.02 24.90 14.76
C LEU A 295 1.26 26.36 15.22
N THR A 296 1.37 27.32 14.33
CA THR A 296 1.39 28.74 14.81
C THR A 296 0.08 29.14 15.49
N ALA A 297 -1.05 28.83 14.84
CA ALA A 297 -2.38 29.12 15.42
C ALA A 297 -2.58 28.53 16.86
N LEU A 298 -1.93 27.44 17.17
CA LEU A 298 -2.06 26.90 18.53
C LEU A 298 -0.97 27.34 19.43
N ASP A 299 -0.09 28.19 18.93
CA ASP A 299 1.07 28.66 19.71
C ASP A 299 2.06 27.61 20.21
N PHE A 300 2.48 26.67 19.34
CA PHE A 300 3.52 25.73 19.71
C PHE A 300 4.85 26.41 19.95
N LYS A 301 5.62 25.82 20.86
CA LYS A 301 7.02 26.18 21.04
C LYS A 301 7.86 25.87 19.81
N PRO A 302 8.96 26.63 19.60
CA PRO A 302 9.73 26.26 18.39
C PRO A 302 10.26 24.80 18.52
N TYR A 303 10.46 24.14 17.38
CA TYR A 303 10.87 22.71 17.39
C TYR A 303 11.93 22.48 16.35
N GLN A 304 12.78 21.47 16.54
CA GLN A 304 13.70 21.05 15.50
C GLN A 304 13.41 19.59 15.14
N LEU A 305 13.30 19.30 13.83
CA LEU A 305 13.20 17.89 13.42
C LEU A 305 14.53 17.29 12.98
N HIS A 306 15.07 16.42 13.84
CA HIS A 306 16.30 15.75 13.50
C HIS A 306 16.12 14.87 12.25
N ASP A 307 17.18 14.77 11.45
CA ASP A 307 17.26 13.83 10.32
C ASP A 307 16.28 14.26 9.21
N GLN A 308 15.95 15.56 9.14
CA GLN A 308 15.06 16.13 8.14
C GLN A 308 15.49 17.53 7.77
N GLN A 309 15.48 17.88 6.48
CA GLN A 309 15.64 19.31 6.07
C GLN A 309 14.33 20.09 6.00
N GLU A 310 13.20 19.40 6.04
CA GLU A 310 11.95 20.09 5.88
C GLU A 310 11.40 20.41 7.27
N ARG A 311 10.71 21.53 7.36
CA ARG A 311 10.07 21.85 8.66
C ARG A 311 8.74 21.14 8.85
N THR A 312 8.08 20.84 7.75
CA THR A 312 6.88 19.96 7.74
C THR A 312 7.12 18.82 6.72
N PRO A 313 7.81 17.74 7.15
CA PRO A 313 8.20 16.69 6.23
C PRO A 313 7.08 16.02 5.50
N ILE A 314 7.46 15.58 4.31
CA ILE A 314 6.61 14.71 3.49
C ILE A 314 6.20 13.54 4.38
N GLY A 315 4.91 13.20 4.33
CA GLY A 315 4.29 12.10 5.10
C GLY A 315 4.24 12.34 6.61
N GLY A 316 4.66 13.52 7.07
CA GLY A 316 4.93 13.73 8.51
C GLY A 316 3.60 14.02 9.17
N LYS A 317 3.44 13.63 10.43
CA LYS A 317 2.17 13.84 11.14
C LYS A 317 2.35 14.51 12.51
N ILE A 318 1.38 15.37 12.87
CA ILE A 318 1.24 15.87 14.22
C ILE A 318 0.32 14.88 14.94
N VAL A 319 0.84 14.29 16.01
CA VAL A 319 0.01 13.28 16.71
C VAL A 319 -0.38 13.66 18.09
N PHE A 320 -1.65 14.07 18.21
CA PHE A 320 -2.24 14.56 19.47
C PHE A 320 -2.70 13.32 20.21
N GLN A 321 -2.47 13.28 21.52
CA GLN A 321 -2.70 12.05 22.33
C GLN A 321 -3.30 12.39 23.72
N ARG A 322 -4.51 11.92 23.98
CA ARG A 322 -5.14 12.07 25.32
C ARG A 322 -4.80 10.82 26.14
N TRP A 323 -4.20 11.00 27.30
CA TRP A 323 -3.82 9.84 28.08
C TRP A 323 -4.48 9.97 29.47
N HIS A 324 -4.86 8.83 30.03
CA HIS A 324 -5.30 8.78 31.44
C HIS A 324 -4.14 8.30 32.33
N ASP A 325 -3.73 9.16 33.24
CA ASP A 325 -2.88 8.73 34.31
C ASP A 325 -3.84 8.20 35.42
N LYS A 326 -3.97 6.87 35.46
CA LYS A 326 -4.83 6.15 36.42
C LYS A 326 -4.33 6.32 37.86
N ASN A 327 -3.00 6.41 38.05
CA ASN A 327 -2.50 6.43 39.41
C ASN A 327 -2.80 7.75 40.11
N ALA A 328 -2.64 8.86 39.37
CA ALA A 328 -2.89 10.18 39.91
C ALA A 328 -4.26 10.76 39.48
N ASN A 329 -5.12 9.94 38.88
CA ASN A 329 -6.42 10.40 38.40
C ASN A 329 -6.29 11.69 37.59
N GLN A 330 -5.44 11.69 36.58
CA GLN A 330 -5.42 12.85 35.68
C GLN A 330 -5.50 12.51 34.20
N GLU A 331 -5.89 13.50 33.41
CA GLU A 331 -5.96 13.37 31.95
C GLU A 331 -4.89 14.26 31.40
N LEU A 332 -4.01 13.67 30.57
CA LEU A 332 -2.86 14.40 30.03
C LEU A 332 -2.87 14.42 28.51
N MET A 333 -2.19 15.42 27.96
CA MET A 333 -2.00 15.55 26.53
C MET A 333 -0.51 15.44 26.21
N LYS A 334 -0.17 14.59 25.22
CA LYS A 334 1.17 14.49 24.66
C LYS A 334 0.99 14.71 23.15
N ILE A 335 1.85 15.54 22.58
CA ILE A 335 1.79 15.83 21.11
C ILE A 335 3.18 15.61 20.55
N GLU A 336 3.27 14.84 19.44
CA GLU A 336 4.56 14.54 18.89
C GLU A 336 4.46 14.68 17.37
N TYR A 337 5.55 15.10 16.78
CA TYR A 337 5.67 15.08 15.32
C TYR A 337 6.32 13.72 15.00
N VAL A 338 5.65 12.93 14.18
CA VAL A 338 6.14 11.60 13.83
C VAL A 338 6.34 11.58 12.32
N TYR A 339 7.53 11.16 11.86
CA TYR A 339 7.82 11.37 10.44
C TYR A 339 8.99 10.54 10.05
N GLN A 340 9.17 10.43 8.74
CA GLN A 340 10.32 9.70 8.19
C GLN A 340 11.46 10.64 7.93
N SER A 341 12.67 10.13 8.18
CA SER A 341 13.85 10.95 8.04
C SER A 341 14.12 11.01 6.54
N SER A 342 14.97 11.94 6.09
CA SER A 342 15.25 12.07 4.66
C SER A 342 15.76 10.69 4.11
N GLU A 343 16.57 10.01 4.89
CA GLU A 343 17.09 8.73 4.44
C GLU A 343 16.01 7.60 4.45
N GLN A 344 15.05 7.65 5.38
CA GLN A 344 13.99 6.67 5.43
C GLN A 344 13.08 6.85 4.26
N LEU A 345 13.02 8.07 3.72
CA LEU A 345 12.17 8.26 2.56
C LEU A 345 12.95 7.75 1.34
N ARG A 346 14.15 8.28 1.17
CA ARG A 346 14.93 7.87 -0.03
C ARG A 346 15.16 6.34 -0.11
N ASN A 347 15.51 5.70 1.02
CA ASN A 347 15.66 4.26 1.12
C ASN A 347 14.37 3.43 1.12
N ALA A 348 13.22 4.09 1.25
CA ALA A 348 12.01 3.31 1.49
C ALA A 348 12.20 2.31 2.64
N SER A 349 12.74 2.78 3.77
CA SER A 349 13.03 1.89 4.89
C SER A 349 11.73 1.35 5.46
N VAL A 350 11.69 0.07 5.78
CA VAL A 350 10.54 -0.51 6.41
C VAL A 350 10.50 0.10 7.80
N LEU A 351 9.31 0.36 8.35
CA LEU A 351 9.19 0.99 9.67
C LEU A 351 8.41 0.04 10.61
N SER A 352 8.85 -0.01 11.86
CA SER A 352 8.25 -0.82 12.92
C SER A 352 8.72 -0.29 14.28
N LEU A 353 8.25 -0.89 15.37
CA LEU A 353 8.76 -0.41 16.66
C LEU A 353 10.27 -0.68 16.78
N GLN A 354 10.75 -1.72 16.12
CA GLN A 354 12.21 -2.04 16.11
C GLN A 354 13.05 -1.06 15.25
N SER A 355 12.49 -0.56 14.15
CA SER A 355 13.16 0.50 13.39
C SER A 355 12.12 1.59 13.13
N PRO A 356 11.98 2.51 14.11
CA PRO A 356 10.83 3.38 14.20
C PRO A 356 10.96 4.58 13.28
N ALA A 357 9.81 5.18 12.93
CA ALA A 357 9.76 6.58 12.45
C ALA A 357 10.47 7.49 13.46
N GLN A 358 10.86 8.68 12.99
CA GLN A 358 11.37 9.72 13.91
C GLN A 358 10.21 10.26 14.72
N ARG A 359 10.47 10.67 15.95
CA ARG A 359 9.44 11.28 16.82
C ARG A 359 10.07 12.41 17.57
N VAL A 360 9.37 13.56 17.62
CA VAL A 360 9.86 14.70 18.36
C VAL A 360 8.72 15.16 19.18
N THR A 361 8.96 15.38 20.47
CA THR A 361 7.81 15.86 21.27
C THR A 361 7.70 17.37 21.19
N LEU A 362 6.46 17.80 20.99
CA LEU A 362 6.14 19.20 20.73
C LEU A 362 5.49 19.67 22.01
N GLU A 363 5.26 20.99 22.11
CA GLU A 363 4.81 21.59 23.38
C GLU A 363 4.09 22.85 23.04
N LEU A 364 2.87 22.89 23.49
CA LEU A 364 2.09 24.13 23.49
C LEU A 364 2.68 25.19 24.46
N LYS A 365 2.83 26.46 24.00
CA LYS A 365 3.20 27.54 24.97
C LYS A 365 2.15 27.62 26.10
N GLY A 366 0.88 27.35 25.79
CA GLY A 366 -0.23 27.40 26.77
C GLY A 366 -0.22 26.19 27.71
N CYS A 367 0.48 25.12 27.35
CA CYS A 367 0.37 23.82 28.10
C CYS A 367 1.74 23.22 28.40
N PRO A 368 2.43 23.75 29.43
CA PRO A 368 3.79 23.32 29.63
C PRO A 368 3.91 21.83 30.07
N VAL A 369 4.89 21.14 29.52
CA VAL A 369 4.89 19.69 29.69
C VAL A 369 5.78 19.36 30.87
N ASP A 370 5.64 18.15 31.39
CA ASP A 370 6.53 17.62 32.40
C ASP A 370 7.80 17.03 31.77
N ALA A 371 8.56 16.27 32.56
CA ALA A 371 9.79 15.69 32.10
C ALA A 371 9.55 14.65 31.03
N ASN A 372 8.33 14.12 30.94
CA ASN A 372 8.05 13.06 29.97
C ASN A 372 7.26 13.53 28.75
N GLY A 373 7.07 14.83 28.64
CA GLY A 373 6.31 15.42 27.49
C GLY A 373 4.81 15.51 27.64
N PHE A 374 4.31 15.33 28.87
CA PHE A 374 2.89 15.42 29.11
C PHE A 374 2.49 16.73 29.77
N CYS A 375 1.32 17.25 29.42
CA CYS A 375 0.77 18.50 30.00
C CYS A 375 -0.69 18.25 30.45
N PRO A 376 -1.27 19.15 31.30
CA PRO A 376 -2.65 18.80 31.71
C PRO A 376 -3.71 19.10 30.66
N VAL A 377 -4.70 18.21 30.57
CA VAL A 377 -5.79 18.36 29.64
C VAL A 377 -6.58 19.66 29.80
N ASP A 378 -6.72 20.18 31.03
CA ASP A 378 -7.53 21.42 31.20
C ASP A 378 -6.79 22.59 30.60
N LYS A 379 -5.47 22.58 30.76
CA LYS A 379 -4.67 23.62 30.15
C LYS A 379 -4.74 23.51 28.63
N PHE A 380 -4.74 22.26 28.12
CA PHE A 380 -4.87 22.00 26.66
C PHE A 380 -6.22 22.49 26.13
N ASN A 381 -7.29 22.27 26.87
CA ASN A 381 -8.64 22.68 26.44
C ASN A 381 -8.79 24.17 26.32
N ALA A 382 -8.14 24.90 27.21
CA ALA A 382 -8.19 26.36 27.24
C ALA A 382 -7.57 26.82 25.95
N VAL A 383 -6.34 26.33 25.70
CA VAL A 383 -5.58 26.71 24.52
C VAL A 383 -6.44 26.50 23.31
N MET A 384 -7.02 25.30 23.22
CA MET A 384 -7.94 24.93 22.13
C MET A 384 -9.22 25.77 22.06
N ASN A 385 -9.86 26.00 23.21
CA ASN A 385 -11.09 26.79 23.15
C ASN A 385 -10.81 28.23 22.79
N ASN A 386 -9.85 28.79 23.51
CA ASN A 386 -9.39 30.13 23.25
C ASN A 386 -9.02 30.36 21.75
N ALA A 387 -8.33 29.37 21.16
CA ALA A 387 -7.95 29.40 19.75
C ALA A 387 -9.13 29.29 18.79
N ALA A 388 -10.14 28.50 19.17
CA ALA A 388 -11.27 28.31 18.31
C ALA A 388 -12.25 29.54 18.32
N GLU B 3 -7.53 2.46 -34.42
CA GLU B 3 -6.14 2.14 -33.99
C GLU B 3 -6.08 0.66 -33.59
N GLY B 4 -6.93 -0.17 -34.22
CA GLY B 4 -6.80 -1.63 -34.02
C GLY B 4 -7.41 -2.07 -32.69
N TYR B 5 -7.12 -3.31 -32.32
CA TYR B 5 -7.59 -3.90 -31.07
C TYR B 5 -7.09 -3.13 -29.82
N GLN B 6 -8.04 -2.79 -28.96
CA GLN B 6 -7.83 -2.14 -27.67
C GLN B 6 -8.33 -3.11 -26.62
N LEU B 7 -7.68 -3.07 -25.45
CA LEU B 7 -8.12 -3.89 -24.33
C LEU B 7 -9.43 -3.29 -23.85
N GLU B 8 -10.55 -4.01 -23.90
CA GLU B 8 -11.85 -3.45 -23.54
C GLU B 8 -12.33 -3.92 -22.16
N GLN B 9 -11.96 -5.14 -21.75
CA GLN B 9 -12.44 -5.62 -20.43
C GLN B 9 -11.44 -6.59 -19.91
N VAL B 10 -11.22 -6.56 -18.62
CA VAL B 10 -10.30 -7.50 -18.05
C VAL B 10 -11.00 -8.12 -16.82
N LEU B 11 -10.67 -9.37 -16.51
CA LEU B 11 -10.99 -9.91 -15.17
C LEU B 11 -9.67 -10.48 -14.66
N ILE B 12 -9.26 -10.07 -13.45
CA ILE B 12 -8.03 -10.49 -12.81
C ILE B 12 -8.37 -11.41 -11.65
N MET B 13 -7.96 -12.67 -11.73
CA MET B 13 -8.15 -13.65 -10.65
C MET B 13 -6.87 -13.82 -9.85
N SER B 14 -6.91 -13.49 -8.58
CA SER B 14 -5.76 -13.32 -7.75
C SER B 14 -5.88 -14.29 -6.55
N ARG B 15 -4.75 -14.74 -6.04
CA ARG B 15 -4.70 -15.25 -4.66
C ARG B 15 -4.19 -14.18 -3.68
N ALA B 16 -4.27 -14.43 -2.40
CA ALA B 16 -3.75 -13.51 -1.39
C ALA B 16 -2.24 -13.46 -1.53
N ASN B 17 -1.62 -12.34 -1.12
CA ASN B 17 -0.16 -12.20 -1.13
C ASN B 17 0.44 -12.75 0.19
N LEU B 18 1.68 -12.37 0.53
CA LEU B 18 2.37 -12.85 1.74
C LEU B 18 1.60 -12.77 3.05
N ARG B 19 1.42 -13.89 3.73
CA ARG B 19 0.83 -13.97 5.06
C ARG B 19 1.76 -14.73 6.02
N ALA B 20 1.51 -14.56 7.32
CA ALA B 20 2.26 -15.27 8.37
C ALA B 20 1.78 -16.72 8.42
N PRO B 21 2.73 -17.67 8.47
CA PRO B 21 2.40 -19.09 8.67
C PRO B 21 1.78 -19.18 10.05
N LEU B 22 1.02 -20.22 10.36
CA LEU B 22 0.40 -20.31 11.67
C LEU B 22 1.26 -21.31 12.41
N ALA B 23 1.87 -20.87 13.50
CA ALA B 23 2.90 -21.64 14.22
C ALA B 23 2.73 -21.55 15.70
N ASN B 24 1.50 -21.34 16.15
CA ASN B 24 1.27 -21.19 17.60
C ASN B 24 1.19 -22.58 18.19
N ASN B 25 1.14 -22.67 19.52
CA ASN B 25 1.07 -23.97 20.19
C ASN B 25 -0.04 -24.87 19.66
N GLY B 26 0.28 -26.11 19.29
CA GLY B 26 -0.75 -27.00 18.78
C GLY B 26 -1.04 -26.95 17.29
N SER B 27 -0.52 -25.95 16.59
CA SER B 27 -0.66 -25.89 15.14
C SER B 27 0.14 -27.02 14.48
N VAL B 28 -0.19 -27.35 13.23
CA VAL B 28 0.59 -28.32 12.43
C VAL B 28 2.08 -27.95 12.42
N LEU B 29 2.43 -26.67 12.18
CA LEU B 29 3.83 -26.25 12.11
CA LEU B 29 3.84 -26.32 12.08
C LEU B 29 4.53 -26.50 13.44
N GLU B 30 3.88 -26.10 14.54
CA GLU B 30 4.54 -26.30 15.86
C GLU B 30 4.65 -27.80 16.18
N GLN B 31 3.60 -28.53 15.85
CA GLN B 31 3.55 -29.97 16.17
C GLN B 31 4.60 -30.72 15.35
N SER B 32 5.05 -30.13 14.20
CA SER B 32 5.88 -30.89 13.21
C SER B 32 7.40 -30.78 13.42
N THR B 33 7.82 -30.06 14.45
CA THR B 33 9.26 -29.95 14.70
C THR B 33 9.47 -29.49 16.14
N PRO B 34 10.52 -29.95 16.81
CA PRO B 34 10.88 -29.35 18.14
C PRO B 34 11.55 -27.99 18.04
N LYS B 35 11.93 -27.61 16.82
CA LYS B 35 12.61 -26.30 16.60
C LYS B 35 11.62 -25.20 16.71
N GLN B 36 12.08 -24.08 17.27
CA GLN B 36 11.34 -22.82 17.27
C GLN B 36 11.30 -22.19 15.88
N TRP B 37 10.14 -21.66 15.51
CA TRP B 37 9.98 -20.90 14.25
C TRP B 37 10.31 -19.42 14.47
N PRO B 38 11.00 -18.78 13.50
CA PRO B 38 11.13 -17.34 13.73
C PRO B 38 9.77 -16.65 13.76
N GLU B 39 9.74 -15.51 14.45
CA GLU B 39 8.54 -14.79 14.68
C GLU B 39 8.14 -13.91 13.46
N TRP B 40 6.84 -13.73 13.27
CA TRP B 40 6.36 -12.89 12.17
C TRP B 40 5.67 -11.67 12.78
N GLU B 41 5.45 -10.66 11.95
CA GLU B 41 4.90 -9.40 12.43
C GLU B 41 3.41 -9.45 12.77
N VAL B 42 2.68 -10.50 12.35
CA VAL B 42 1.25 -10.56 12.58
C VAL B 42 0.94 -12.00 12.90
N PRO B 43 -0.24 -12.25 13.49
CA PRO B 43 -0.73 -13.61 13.76
C PRO B 43 -0.89 -14.46 12.51
N GLY B 44 -0.88 -15.77 12.68
CA GLY B 44 -0.91 -16.69 11.55
C GLY B 44 -2.09 -16.43 10.64
N GLY B 45 -1.87 -16.42 9.32
CA GLY B 45 -2.94 -16.29 8.34
C GLY B 45 -3.25 -14.86 7.96
N GLN B 46 -2.61 -13.91 8.64
CA GLN B 46 -2.80 -12.51 8.32
C GLN B 46 -1.74 -12.04 7.33
N LEU B 47 -2.13 -11.20 6.37
CA LEU B 47 -1.14 -10.59 5.47
C LEU B 47 -0.09 -9.85 6.25
N THR B 48 1.10 -9.79 5.64
CA THR B 48 2.12 -8.97 6.17
C THR B 48 2.16 -7.69 5.37
N THR B 49 2.87 -6.75 5.94
CA THR B 49 3.04 -5.44 5.34
C THR B 49 3.81 -5.60 4.04
N LYS B 50 4.82 -6.47 4.02
CA LYS B 50 5.55 -6.69 2.78
C LYS B 50 4.62 -7.29 1.73
N GLY B 51 3.68 -8.15 2.12
CA GLY B 51 2.74 -8.69 1.14
C GLY B 51 1.90 -7.56 0.57
N GLY B 52 1.60 -6.56 1.40
CA GLY B 52 0.80 -5.42 0.80
C GLY B 52 1.64 -4.60 -0.15
N VAL B 53 2.87 -4.33 0.24
CA VAL B 53 3.77 -3.52 -0.61
C VAL B 53 3.98 -4.29 -1.97
N LEU B 54 4.23 -5.62 -1.91
CA LEU B 54 4.31 -6.42 -3.14
C LEU B 54 3.05 -6.27 -3.99
N GLU B 55 1.89 -6.23 -3.34
CA GLU B 55 0.65 -6.03 -4.12
C GLU B 55 0.56 -4.63 -4.65
N VAL B 56 1.01 -3.65 -3.89
CA VAL B 56 1.01 -2.26 -4.41
C VAL B 56 1.82 -2.21 -5.69
N TYR B 57 3.01 -2.79 -5.66
CA TYR B 57 3.84 -2.85 -6.87
C TYR B 57 3.19 -3.53 -8.05
N MET B 58 2.48 -4.66 -7.79
CA MET B 58 1.75 -5.39 -8.82
CA MET B 58 1.76 -5.37 -8.85
C MET B 58 0.62 -4.50 -9.40
N GLY B 59 -0.06 -3.80 -8.51
CA GLY B 59 -1.12 -2.89 -8.87
C GLY B 59 -0.65 -1.78 -9.77
N HIS B 60 0.46 -1.16 -9.39
CA HIS B 60 1.01 -0.06 -10.17
C HIS B 60 1.45 -0.53 -11.58
N TYR B 61 2.18 -1.65 -11.60
CA TYR B 61 2.56 -2.34 -12.85
C TYR B 61 1.35 -2.62 -13.68
N MET B 62 0.31 -3.21 -13.07
CA MET B 62 -0.89 -3.52 -13.84
CA MET B 62 -0.89 -3.53 -13.84
C MET B 62 -1.57 -2.27 -14.40
N ARG B 63 -1.67 -1.21 -13.60
CA ARG B 63 -2.24 0.05 -14.04
C ARG B 63 -1.52 0.65 -15.26
N GLU B 64 -0.18 0.72 -15.21
CA GLU B 64 0.69 1.07 -16.34
CA GLU B 64 0.62 1.10 -16.35
C GLU B 64 0.39 0.23 -17.58
N TRP B 65 0.29 -1.08 -17.36
CA TRP B 65 0.11 -1.99 -18.44
C TRP B 65 -1.28 -1.81 -19.04
N LEU B 66 -2.29 -1.63 -18.19
CA LEU B 66 -3.69 -1.42 -18.65
C LEU B 66 -3.85 -0.21 -19.52
N ALA B 67 -3.16 0.85 -19.11
CA ALA B 67 -3.10 2.10 -19.82
C ALA B 67 -2.34 1.96 -21.19
N GLN B 68 -1.18 1.32 -21.17
CA GLN B 68 -0.42 0.97 -22.37
C GLN B 68 -1.27 0.28 -23.46
N GLN B 69 -2.17 -0.63 -23.04
CA GLN B 69 -3.06 -1.34 -23.94
C GLN B 69 -4.40 -0.64 -24.22
N GLY B 70 -4.54 0.61 -23.78
CA GLY B 70 -5.67 1.48 -24.14
C GLY B 70 -6.87 1.48 -23.21
N MET B 71 -6.69 1.02 -21.98
CA MET B 71 -7.88 0.79 -21.23
C MET B 71 -8.39 1.94 -20.42
N VAL B 72 -7.51 2.64 -19.73
CA VAL B 72 -7.88 3.84 -18.97
C VAL B 72 -6.57 4.51 -18.61
N LYS B 73 -6.41 5.77 -18.97
CA LYS B 73 -5.06 6.31 -19.01
C LYS B 73 -4.55 6.80 -17.66
N THR B 74 -3.22 6.80 -17.54
CA THR B 74 -2.51 7.06 -16.27
C THR B 74 -2.77 8.51 -15.94
N GLY B 75 -2.90 8.85 -14.66
CA GLY B 75 -3.09 10.26 -14.35
C GLY B 75 -4.49 10.62 -14.00
N GLU B 76 -5.47 9.78 -14.33
CA GLU B 76 -6.88 10.09 -13.98
C GLU B 76 -7.57 8.88 -13.33
N CYS B 77 -8.58 9.09 -12.50
CA CYS B 77 -9.30 7.95 -11.94
C CYS B 77 -10.18 7.38 -13.08
N PRO B 78 -10.41 6.05 -13.10
CA PRO B 78 -11.33 5.44 -14.09
C PRO B 78 -12.73 5.94 -13.83
N ALA B 79 -13.63 5.81 -14.80
CA ALA B 79 -15.01 6.33 -14.55
C ALA B 79 -15.58 5.60 -13.36
N ALA B 80 -16.49 6.26 -12.65
CA ALA B 80 -17.14 5.59 -11.53
C ALA B 80 -17.69 4.24 -11.95
N ASP B 81 -17.48 3.26 -11.08
CA ASP B 81 -18.01 1.90 -11.21
C ASP B 81 -17.39 1.15 -12.36
N SER B 82 -16.26 1.67 -12.89
CA SER B 82 -15.49 1.04 -13.96
C SER B 82 -14.75 -0.14 -13.40
N VAL B 83 -14.54 -0.14 -12.08
CA VAL B 83 -13.66 -1.14 -11.44
C VAL B 83 -14.46 -1.86 -10.33
N TYR B 84 -14.45 -3.17 -10.28
CA TYR B 84 -15.15 -3.84 -9.21
C TYR B 84 -14.19 -4.80 -8.54
N ALA B 85 -13.96 -4.60 -7.25
CA ALA B 85 -12.97 -5.47 -6.56
C ALA B 85 -13.80 -6.34 -5.61
N TYR B 86 -13.66 -7.65 -5.72
CA TYR B 86 -14.41 -8.58 -4.87
C TYR B 86 -13.45 -9.61 -4.29
N ALA B 87 -13.36 -9.67 -2.97
CA ALA B 87 -12.41 -10.57 -2.26
C ALA B 87 -13.22 -11.55 -1.38
N ASN B 88 -12.73 -12.78 -1.27
CA ASN B 88 -13.18 -13.65 -0.19
C ASN B 88 -13.16 -12.93 1.17
N SER B 89 -14.09 -13.29 2.06
CA SER B 89 -14.27 -12.61 3.33
C SER B 89 -13.32 -13.08 4.44
N LEU B 90 -12.03 -12.95 4.15
CA LEU B 90 -10.92 -13.29 5.10
C LEU B 90 -9.97 -12.10 5.14
N GLN B 91 -9.28 -11.94 6.25
CA GLN B 91 -8.42 -10.79 6.41
C GLN B 91 -7.46 -10.72 5.24
N ARG B 92 -6.90 -11.85 4.81
CA ARG B 92 -5.72 -11.70 3.94
C ARG B 92 -6.16 -11.42 2.52
N THR B 93 -7.35 -11.92 2.17
CA THR B 93 -7.78 -11.67 0.79
C THR B 93 -8.38 -10.27 0.65
N VAL B 94 -9.14 -9.82 1.67
CA VAL B 94 -9.60 -8.41 1.66
C VAL B 94 -8.38 -7.48 1.68
N ALA B 95 -7.40 -7.78 2.56
CA ALA B 95 -6.20 -6.98 2.58
C ALA B 95 -5.52 -6.94 1.21
N THR B 96 -5.33 -8.11 0.59
CA THR B 96 -4.52 -8.06 -0.67
C THR B 96 -5.31 -7.26 -1.71
N ALA B 97 -6.63 -7.40 -1.72
CA ALA B 97 -7.39 -6.50 -2.63
C ALA B 97 -7.21 -4.99 -2.37
N GLN B 98 -7.31 -4.57 -1.10
CA GLN B 98 -7.08 -3.14 -0.72
C GLN B 98 -5.75 -2.64 -1.18
N PHE B 99 -4.72 -3.45 -1.02
CA PHE B 99 -3.39 -2.95 -1.34
C PHE B 99 -3.27 -2.90 -2.87
N PHE B 100 -3.77 -3.92 -3.56
CA PHE B 100 -3.69 -3.93 -5.02
C PHE B 100 -4.45 -2.72 -5.62
N ILE B 101 -5.68 -2.49 -5.14
CA ILE B 101 -6.51 -1.44 -5.68
C ILE B 101 -6.00 -0.06 -5.32
N THR B 102 -5.53 0.12 -4.10
CA THR B 102 -4.85 1.36 -3.78
C THR B 102 -3.58 1.61 -4.69
N GLY B 103 -2.78 0.59 -4.99
CA GLY B 103 -1.51 0.80 -5.79
C GLY B 103 -1.89 1.13 -7.25
N ALA B 104 -2.94 0.48 -7.71
CA ALA B 104 -3.37 0.58 -9.13
C ALA B 104 -4.23 1.81 -9.36
N PHE B 105 -5.10 2.10 -8.39
CA PHE B 105 -6.03 3.20 -8.48
C PHE B 105 -5.93 4.20 -7.30
N PRO B 106 -4.73 4.75 -7.05
CA PRO B 106 -4.57 5.60 -5.88
C PRO B 106 -5.37 6.87 -5.90
N GLY B 107 -6.10 7.13 -4.82
CA GLY B 107 -6.79 8.38 -4.78
C GLY B 107 -8.16 8.25 -5.47
N CYS B 108 -8.49 7.07 -5.95
CA CYS B 108 -9.83 6.87 -6.58
C CYS B 108 -10.79 6.19 -5.61
N ASP B 109 -12.09 6.42 -5.76
CA ASP B 109 -13.02 5.68 -4.87
C ASP B 109 -13.40 4.34 -5.46
N VAL B 110 -12.61 3.33 -5.11
CA VAL B 110 -12.88 1.97 -5.56
C VAL B 110 -12.93 1.07 -4.32
N PRO B 111 -14.15 0.78 -3.80
CA PRO B 111 -14.19 0.02 -2.56
C PRO B 111 -13.85 -1.46 -2.76
N VAL B 112 -13.33 -2.14 -1.74
CA VAL B 112 -13.22 -3.57 -1.89
C VAL B 112 -14.54 -4.19 -1.37
N HIS B 113 -15.22 -5.03 -2.17
CA HIS B 113 -16.43 -5.69 -1.68
C HIS B 113 -16.16 -7.10 -1.15
N HIS B 114 -16.98 -7.57 -0.22
CA HIS B 114 -16.83 -8.91 0.32
C HIS B 114 -18.14 -9.22 1.03
N GLN B 115 -18.43 -10.50 1.30
CA GLN B 115 -19.67 -10.82 2.02
C GLN B 115 -19.62 -10.30 3.46
N GLU B 116 -20.81 -10.20 4.04
CA GLU B 116 -20.98 -9.48 5.26
C GLU B 116 -20.15 -10.11 6.38
N LYS B 117 -20.02 -11.43 6.40
CA LYS B 117 -19.40 -12.12 7.53
C LYS B 117 -17.89 -12.38 7.39
N MET B 118 -17.03 -11.49 7.92
CA MET B 118 -15.57 -11.71 7.84
C MET B 118 -15.16 -12.89 8.70
N GLY B 119 -14.10 -13.60 8.30
CA GLY B 119 -13.61 -14.72 9.00
C GLY B 119 -14.21 -16.05 8.56
N THR B 120 -15.13 -16.00 7.61
CA THR B 120 -15.71 -17.23 7.05
C THR B 120 -15.61 -17.25 5.50
N MET B 121 -15.70 -18.47 4.94
CA MET B 121 -15.60 -18.63 3.49
C MET B 121 -16.85 -18.14 2.76
N ASP B 122 -16.61 -17.37 1.69
CA ASP B 122 -17.70 -16.92 0.80
C ASP B 122 -17.90 -18.10 -0.16
N PRO B 123 -19.19 -18.54 -0.39
CA PRO B 123 -19.45 -19.61 -1.36
C PRO B 123 -18.76 -19.38 -2.71
N THR B 124 -18.65 -18.14 -3.16
CA THR B 124 -17.98 -17.91 -4.47
C THR B 124 -16.59 -18.55 -4.51
N PHE B 125 -15.87 -18.47 -3.39
CA PHE B 125 -14.49 -18.86 -3.31
C PHE B 125 -14.27 -20.16 -2.56
N ASN B 126 -15.35 -20.84 -2.20
CA ASN B 126 -15.23 -22.04 -1.37
C ASN B 126 -15.29 -23.24 -2.31
N PRO B 127 -14.16 -23.93 -2.47
CA PRO B 127 -14.02 -25.00 -3.46
C PRO B 127 -14.53 -26.28 -2.78
N VAL B 128 -15.85 -26.38 -2.57
CA VAL B 128 -16.38 -27.54 -1.85
C VAL B 128 -17.14 -28.43 -2.82
N ILE B 129 -17.12 -29.72 -2.51
CA ILE B 129 -17.81 -30.77 -3.27
C ILE B 129 -19.34 -30.64 -3.16
N THR B 130 -20.00 -30.59 -4.30
CA THR B 130 -21.41 -30.32 -4.42
C THR B 130 -22.29 -31.56 -4.78
N ASP B 131 -21.65 -32.72 -4.94
CA ASP B 131 -22.31 -33.90 -5.48
C ASP B 131 -22.18 -34.96 -4.39
N ASN B 132 -23.29 -35.49 -3.88
CA ASN B 132 -23.17 -36.39 -2.68
C ASN B 132 -23.18 -37.85 -3.02
N SER B 133 -23.32 -38.16 -4.32
CA SER B 133 -23.40 -39.55 -4.80
C SER B 133 -22.11 -40.33 -4.50
N PRO B 134 -22.25 -41.62 -4.15
CA PRO B 134 -21.03 -42.37 -3.86
C PRO B 134 -20.19 -42.65 -5.13
N GLU B 135 -20.80 -42.57 -6.30
CA GLU B 135 -20.03 -42.72 -7.53
C GLU B 135 -19.16 -41.50 -7.74
N PHE B 136 -19.66 -40.30 -7.47
CA PHE B 136 -18.78 -39.14 -7.57
C PHE B 136 -17.61 -39.23 -6.58
N ARG B 137 -17.91 -39.58 -5.32
CA ARG B 137 -16.87 -39.76 -4.26
C ARG B 137 -15.85 -40.82 -4.62
N GLU B 138 -16.30 -41.99 -5.05
CA GLU B 138 -15.34 -43.03 -5.45
C GLU B 138 -14.40 -42.65 -6.62
N LYS B 139 -14.97 -41.98 -7.62
CA LYS B 139 -14.27 -41.56 -8.80
C LYS B 139 -13.30 -40.38 -8.43
N ALA B 140 -13.76 -39.44 -7.63
CA ALA B 140 -12.89 -38.39 -7.10
C ALA B 140 -11.68 -38.96 -6.33
N LEU B 141 -11.94 -39.89 -5.39
CA LEU B 141 -10.87 -40.51 -4.62
C LEU B 141 -9.87 -41.22 -5.51
N LYS B 142 -10.41 -41.93 -6.51
CA LYS B 142 -9.51 -42.68 -7.39
C LYS B 142 -8.68 -41.70 -8.23
N ALA B 143 -9.27 -40.60 -8.66
CA ALA B 143 -8.54 -39.61 -9.46
C ALA B 143 -7.46 -38.90 -8.61
N MET B 144 -7.77 -38.63 -7.35
CA MET B 144 -6.72 -38.01 -6.48
C MET B 144 -5.57 -38.97 -6.25
N GLU B 145 -5.92 -40.23 -5.94
CA GLU B 145 -4.91 -41.25 -5.67
C GLU B 145 -4.01 -41.47 -6.92
N THR B 146 -4.61 -41.52 -8.11
CA THR B 146 -3.91 -41.70 -9.38
C THR B 146 -2.89 -40.59 -9.63
N GLU B 147 -3.25 -39.37 -9.31
CA GLU B 147 -2.45 -38.20 -9.56
C GLU B 147 -1.28 -38.27 -8.56
N ARG B 148 -1.61 -38.57 -7.31
CA ARG B 148 -0.62 -38.71 -6.30
C ARG B 148 0.37 -39.86 -6.61
N GLN B 149 -0.16 -41.01 -7.03
CA GLN B 149 0.69 -42.17 -7.32
C GLN B 149 1.72 -41.93 -8.42
N LYS B 150 1.50 -40.95 -9.27
CA LYS B 150 2.51 -40.63 -10.27
C LYS B 150 3.78 -39.94 -9.74
N MET B 151 3.70 -39.37 -8.54
CA MET B 151 4.77 -38.47 -8.00
C MET B 151 5.76 -39.29 -7.17
N GLN B 152 7.05 -38.92 -7.27
CA GLN B 152 8.09 -39.61 -6.50
C GLN B 152 8.55 -38.65 -5.40
N LEU B 153 8.04 -38.85 -4.21
CA LEU B 153 8.18 -37.86 -3.14
C LEU B 153 9.14 -38.25 -2.03
N THR B 154 9.65 -39.47 -2.04
CA THR B 154 10.45 -39.88 -0.89
C THR B 154 11.71 -39.04 -0.69
N GLU B 155 12.37 -38.65 -1.77
CA GLU B 155 13.52 -37.75 -1.60
C GLU B 155 13.16 -36.45 -0.88
N SER B 156 12.09 -35.81 -1.34
CA SER B 156 11.51 -34.63 -0.67
C SER B 156 11.26 -34.86 0.82
N TYR B 157 10.56 -35.93 1.14
CA TYR B 157 10.30 -36.28 2.53
C TYR B 157 11.52 -36.56 3.39
N LYS B 158 12.49 -37.28 2.85
CA LYS B 158 13.69 -37.50 3.66
C LYS B 158 14.41 -36.22 3.96
N LEU B 159 14.49 -35.32 2.98
CA LEU B 159 15.09 -34.04 3.15
C LEU B 159 14.33 -33.28 4.22
N LEU B 160 13.00 -33.26 4.10
CA LEU B 160 12.20 -32.52 5.08
C LEU B 160 12.30 -33.05 6.53
N GLU B 161 12.43 -34.37 6.68
CA GLU B 161 12.54 -35.01 8.01
C GLU B 161 13.84 -34.57 8.64
N GLN B 162 14.89 -34.51 7.83
CA GLN B 162 16.19 -34.02 8.35
C GLN B 162 16.23 -32.55 8.75
N MET B 163 15.54 -31.68 7.98
CA MET B 163 15.52 -30.26 8.24
C MET B 163 14.70 -29.93 9.49
N THR B 164 13.65 -30.71 9.75
CA THR B 164 12.76 -30.46 10.89
C THR B 164 13.04 -31.26 12.18
N ASN B 165 13.90 -32.28 12.11
CA ASN B 165 14.07 -33.25 13.20
CA ASN B 165 14.04 -33.24 13.21
C ASN B 165 12.68 -33.83 13.54
N TYR B 166 11.99 -34.32 12.50
CA TYR B 166 10.59 -34.74 12.61
C TYR B 166 10.40 -35.86 13.64
N ALA B 167 11.36 -36.76 13.76
CA ALA B 167 11.21 -37.84 14.77
C ALA B 167 11.25 -37.33 16.21
N ASP B 168 11.73 -36.11 16.38
CA ASP B 168 11.65 -35.53 17.71
C ASP B 168 10.54 -34.52 17.95
N SER B 169 9.53 -34.45 17.06
CA SER B 169 8.56 -33.41 17.17
C SER B 169 7.46 -33.86 18.13
N PRO B 170 6.56 -32.94 18.53
CA PRO B 170 5.35 -33.25 19.26
C PRO B 170 4.44 -34.29 18.60
N SER B 171 4.31 -34.24 17.28
CA SER B 171 3.57 -35.24 16.50
C SER B 171 4.08 -36.63 16.81
N CYS B 172 5.40 -36.79 16.78
CA CYS B 172 5.97 -38.09 17.04
C CYS B 172 5.81 -38.47 18.55
N LYS B 173 6.25 -37.59 19.44
CA LYS B 173 6.27 -37.89 20.90
C LYS B 173 4.88 -38.04 21.49
N GLU B 174 3.96 -37.14 21.14
CA GLU B 174 2.57 -37.20 21.64
C GLU B 174 1.56 -37.99 20.83
N LYS B 175 1.58 -37.86 19.50
CA LYS B 175 0.66 -38.60 18.67
C LYS B 175 1.26 -39.84 17.97
N LYS B 176 2.54 -40.15 18.20
CA LYS B 176 3.16 -41.32 17.51
C LYS B 176 3.10 -41.22 15.97
N VAL B 177 3.25 -40.00 15.46
CA VAL B 177 3.34 -39.82 14.03
C VAL B 177 4.76 -39.27 13.85
N CYS B 178 5.64 -40.15 13.38
CA CYS B 178 7.08 -40.05 13.54
C CYS B 178 7.81 -40.09 12.21
N SER B 179 7.10 -40.34 11.11
CA SER B 179 7.78 -40.43 9.84
C SER B 179 6.94 -39.75 8.78
N LEU B 180 7.63 -39.15 7.80
CA LEU B 180 6.96 -38.50 6.66
C LEU B 180 7.07 -39.43 5.44
N ALA B 181 8.27 -39.94 5.20
CA ALA B 181 8.56 -40.72 3.99
C ALA B 181 7.79 -42.06 3.93
N ASP B 182 7.50 -42.65 5.10
CA ASP B 182 6.87 -43.99 5.13
C ASP B 182 5.37 -44.01 5.38
N ALA B 183 4.84 -42.91 5.89
CA ALA B 183 3.44 -42.72 6.19
C ALA B 183 2.54 -42.65 4.94
N LYS B 184 1.25 -42.82 5.20
CA LYS B 184 0.24 -43.19 4.23
C LYS B 184 -0.54 -41.90 4.03
N ASP B 185 -0.91 -41.53 2.80
CA ASP B 185 -1.84 -40.44 2.64
C ASP B 185 -3.23 -41.00 2.68
N THR B 186 -4.12 -40.28 3.34
CA THR B 186 -5.55 -40.56 3.13
C THR B 186 -6.29 -39.39 2.51
N PHE B 187 -6.83 -39.64 1.32
CA PHE B 187 -7.60 -38.62 0.61
C PHE B 187 -9.07 -38.60 1.03
N SER B 188 -9.73 -37.47 0.86
CA SER B 188 -11.15 -37.36 1.11
C SER B 188 -11.80 -36.47 0.05
N ALA B 189 -13.04 -36.81 -0.20
CA ALA B 189 -13.85 -36.14 -1.17
C ALA B 189 -15.24 -36.08 -0.53
N ASP B 190 -15.28 -35.59 0.71
CA ASP B 190 -16.52 -35.52 1.50
C ASP B 190 -17.53 -34.46 0.99
N TYR B 191 -18.78 -34.80 1.12
CA TYR B 191 -19.79 -33.96 0.54
C TYR B 191 -19.78 -32.64 1.29
N GLU B 192 -19.83 -31.54 0.53
CA GLU B 192 -19.85 -30.18 1.06
C GLU B 192 -18.58 -29.74 1.81
N LYS B 193 -17.47 -30.46 1.60
CA LYS B 193 -16.16 -30.02 2.08
C LYS B 193 -15.21 -29.92 0.89
N GLU B 194 -14.05 -29.33 1.15
CA GLU B 194 -13.00 -29.33 0.10
C GLU B 194 -12.47 -30.76 -0.09
N PRO B 195 -12.01 -31.08 -1.30
CA PRO B 195 -11.20 -32.28 -1.35
C PRO B 195 -10.09 -32.09 -0.38
N GLY B 196 -9.69 -33.16 0.31
CA GLY B 196 -8.53 -33.08 1.18
C GLY B 196 -7.64 -34.31 1.27
N VAL B 197 -6.54 -34.18 1.99
CA VAL B 197 -5.69 -35.31 2.37
C VAL B 197 -5.20 -35.06 3.74
N SER B 198 -5.04 -36.13 4.47
CA SER B 198 -4.42 -36.05 5.76
C SER B 198 -3.21 -36.99 5.69
N GLY B 199 -2.21 -36.73 6.50
CA GLY B 199 -1.03 -37.50 6.39
C GLY B 199 0.17 -36.66 5.98
N PRO B 200 1.27 -37.33 5.58
CA PRO B 200 2.53 -36.62 5.34
C PRO B 200 2.40 -35.55 4.28
N LEU B 201 1.54 -35.76 3.30
CA LEU B 201 1.46 -34.78 2.18
C LEU B 201 0.91 -33.43 2.68
N LYS B 202 -0.08 -33.52 3.56
CA LYS B 202 -0.68 -32.34 4.20
C LYS B 202 0.38 -31.68 5.10
N VAL B 203 1.10 -32.47 5.91
CA VAL B 203 2.18 -31.86 6.68
C VAL B 203 3.36 -31.28 5.89
N GLY B 204 3.78 -32.02 4.86
CA GLY B 204 4.86 -31.55 3.99
C GLY B 204 4.41 -30.28 3.27
N ASN B 205 3.14 -30.22 2.83
CA ASN B 205 2.60 -29.02 2.31
C ASN B 205 2.72 -27.81 3.25
N SER B 206 2.30 -27.98 4.51
CA SER B 206 2.28 -26.86 5.49
C SER B 206 3.74 -26.36 5.70
N LEU B 207 4.63 -27.32 5.87
CA LEU B 207 6.04 -26.99 6.09
C LEU B 207 6.67 -26.26 4.94
N VAL B 208 6.55 -26.83 3.75
CA VAL B 208 7.24 -26.21 2.61
C VAL B 208 6.62 -24.82 2.31
N ASP B 209 5.30 -24.73 2.41
CA ASP B 209 4.66 -23.41 2.37
C ASP B 209 5.29 -22.38 3.37
N ALA B 210 5.43 -22.76 4.64
CA ALA B 210 6.08 -21.88 5.58
C ALA B 210 7.50 -21.43 5.12
N PHE B 211 8.35 -22.35 4.67
CA PHE B 211 9.67 -21.95 4.16
C PHE B 211 9.57 -20.97 3.01
N THR B 212 8.65 -21.27 2.07
CA THR B 212 8.50 -20.41 0.89
C THR B 212 8.18 -19.01 1.33
N LEU B 213 7.19 -18.90 2.23
CA LEU B 213 6.86 -17.59 2.78
C LEU B 213 8.00 -16.88 3.51
N GLN B 214 8.75 -17.62 4.32
CA GLN B 214 9.90 -16.99 4.96
C GLN B 214 10.84 -16.38 3.89
N TYR B 215 11.09 -17.14 2.84
CA TYR B 215 11.99 -16.68 1.81
C TYR B 215 11.45 -15.39 1.20
N TYR B 216 10.17 -15.43 0.76
CA TYR B 216 9.60 -14.22 0.18
C TYR B 216 9.54 -13.02 1.11
N GLU B 217 9.27 -13.26 2.42
CA GLU B 217 9.16 -12.20 3.40
C GLU B 217 10.51 -11.53 3.59
N GLY B 218 11.60 -12.16 3.16
CA GLY B 218 12.90 -11.47 3.25
C GLY B 218 13.69 -11.86 4.50
N PHE B 219 13.30 -12.97 5.16
CA PHE B 219 14.04 -13.45 6.35
C PHE B 219 15.49 -13.74 5.86
N PRO B 220 16.52 -13.40 6.69
CA PRO B 220 17.89 -13.72 6.35
C PRO B 220 17.98 -15.20 6.00
N ALA B 221 18.99 -15.57 5.21
CA ALA B 221 19.08 -16.93 4.75
C ALA B 221 19.12 -17.93 5.97
N ASP B 222 19.79 -17.52 7.05
CA ASP B 222 19.88 -18.39 8.23
C ASP B 222 18.59 -18.56 8.96
N GLN B 223 17.58 -17.76 8.59
CA GLN B 223 16.22 -17.83 9.24
C GLN B 223 15.15 -18.37 8.30
N VAL B 224 15.56 -18.70 7.09
CA VAL B 224 14.72 -19.54 6.23
C VAL B 224 14.97 -21.00 6.41
N ALA B 225 14.02 -21.72 7.02
CA ALA B 225 14.21 -23.13 7.15
C ALA B 225 15.45 -23.41 7.92
N TRP B 226 15.74 -22.58 8.92
CA TRP B 226 16.95 -22.75 9.76
C TRP B 226 18.24 -22.76 8.89
N GLY B 227 18.18 -22.11 7.72
CA GLY B 227 19.34 -21.99 6.80
C GLY B 227 19.60 -23.21 5.97
N GLU B 228 18.68 -24.16 5.99
CA GLU B 228 18.95 -25.48 5.38
C GLU B 228 18.67 -25.59 3.90
N ILE B 229 18.05 -24.56 3.31
CA ILE B 229 17.81 -24.63 1.87
C ILE B 229 18.79 -23.74 1.13
N LYS B 230 19.75 -24.37 0.49
CA LYS B 230 20.89 -23.59 -0.01
C LYS B 230 20.95 -23.39 -1.47
N THR B 231 20.16 -24.16 -2.22
CA THR B 231 20.17 -24.09 -3.70
C THR B 231 18.74 -24.10 -4.33
N ASP B 232 18.62 -23.64 -5.58
CA ASP B 232 17.38 -23.77 -6.32
C ASP B 232 16.97 -25.27 -6.41
N GLN B 233 17.94 -26.15 -6.54
CA GLN B 233 17.68 -27.58 -6.67
CA GLN B 233 17.65 -27.55 -6.68
C GLN B 233 16.95 -28.07 -5.42
N GLN B 234 17.40 -27.58 -4.26
CA GLN B 234 16.75 -27.95 -3.00
C GLN B 234 15.34 -27.43 -2.96
N TRP B 235 15.16 -26.19 -3.37
CA TRP B 235 13.80 -25.63 -3.45
C TRP B 235 12.90 -26.49 -4.31
N ARG B 236 13.46 -26.93 -5.43
CA ARG B 236 12.75 -27.73 -6.38
C ARG B 236 12.33 -29.04 -5.77
N VAL B 237 13.23 -29.72 -5.05
CA VAL B 237 12.88 -31.00 -4.43
CA VAL B 237 12.91 -31.01 -4.39
C VAL B 237 11.76 -30.79 -3.39
N LEU B 238 11.88 -29.73 -2.59
CA LEU B 238 10.92 -29.48 -1.50
C LEU B 238 9.58 -29.07 -2.07
N SER B 239 9.60 -28.27 -3.12
CA SER B 239 8.37 -27.74 -3.70
CA SER B 239 8.36 -27.73 -3.70
C SER B 239 7.49 -28.83 -4.32
N LYS B 240 8.07 -29.96 -4.65
CA LYS B 240 7.28 -31.11 -5.09
C LYS B 240 6.16 -31.49 -4.13
N LEU B 241 6.36 -31.23 -2.84
CA LEU B 241 5.35 -31.62 -1.84
C LEU B 241 4.22 -30.61 -1.86
N LYS B 242 4.60 -29.32 -1.86
CA LYS B 242 3.58 -28.28 -1.85
C LYS B 242 2.82 -28.35 -3.20
N ASN B 243 3.54 -28.46 -4.31
CA ASN B 243 2.84 -28.57 -5.62
C ASN B 243 2.10 -29.89 -5.78
N GLY B 244 2.57 -30.94 -5.11
CA GLY B 244 1.94 -32.27 -5.22
C GLY B 244 0.68 -32.32 -4.38
N TYR B 245 0.70 -31.61 -3.27
CA TYR B 245 -0.52 -31.45 -2.49
C TYR B 245 -1.63 -30.76 -3.32
N GLN B 246 -1.32 -29.60 -3.87
CA GLN B 246 -2.29 -28.88 -4.67
CA GLN B 246 -2.31 -28.88 -4.66
C GLN B 246 -2.75 -29.67 -5.90
N ASP B 247 -1.79 -30.26 -6.63
CA ASP B 247 -2.14 -31.06 -7.79
C ASP B 247 -3.05 -32.25 -7.48
N SER B 248 -2.77 -32.91 -6.36
CA SER B 248 -3.51 -34.14 -6.02
C SER B 248 -4.98 -33.78 -5.80
N LEU B 249 -5.20 -32.70 -5.08
CA LEU B 249 -6.53 -32.30 -4.61
C LEU B 249 -7.34 -31.56 -5.65
N PHE B 250 -6.69 -30.63 -6.35
CA PHE B 250 -7.49 -29.60 -7.03
C PHE B 250 -7.41 -29.72 -8.48
N THR B 251 -6.74 -30.76 -8.91
CA THR B 251 -6.30 -30.72 -10.26
C THR B 251 -6.88 -31.89 -11.09
N SER B 252 -7.56 -32.84 -10.47
CA SER B 252 -8.28 -33.89 -11.22
CA SER B 252 -8.27 -33.90 -11.19
C SER B 252 -9.51 -33.31 -11.92
N THR B 253 -9.85 -33.85 -13.09
CA THR B 253 -10.93 -33.26 -13.82
C THR B 253 -12.23 -33.47 -13.09
N GLU B 254 -12.36 -34.60 -12.38
CA GLU B 254 -13.66 -34.92 -11.74
C GLU B 254 -13.92 -33.79 -10.75
N VAL B 255 -12.99 -33.67 -9.79
CA VAL B 255 -13.07 -32.74 -8.67
C VAL B 255 -13.17 -31.30 -9.17
N ALA B 256 -12.28 -30.87 -10.07
CA ALA B 256 -12.21 -29.42 -10.36
C ALA B 256 -13.48 -28.86 -10.91
N GLN B 257 -14.13 -29.61 -11.80
CA GLN B 257 -15.26 -29.08 -12.48
C GLN B 257 -16.45 -28.83 -11.54
N ASN B 258 -16.56 -29.70 -10.56
CA ASN B 258 -17.56 -29.55 -9.52
C ASN B 258 -17.23 -28.40 -8.56
N VAL B 259 -16.02 -28.41 -8.05
CA VAL B 259 -15.60 -27.58 -6.91
C VAL B 259 -15.58 -26.08 -7.33
N ALA B 260 -15.18 -25.83 -8.59
CA ALA B 260 -14.95 -24.44 -9.06
C ALA B 260 -16.18 -23.86 -9.73
N LYS B 261 -17.30 -24.60 -9.74
CA LYS B 261 -18.55 -24.10 -10.38
C LYS B 261 -18.98 -22.64 -10.01
N PRO B 262 -18.99 -22.25 -8.72
CA PRO B 262 -19.47 -20.87 -8.43
C PRO B 262 -18.51 -19.79 -8.92
N LEU B 263 -17.21 -20.11 -8.93
CA LEU B 263 -16.22 -19.19 -9.52
C LEU B 263 -16.35 -19.16 -11.04
N VAL B 264 -16.42 -20.30 -11.72
CA VAL B 264 -16.68 -20.33 -13.19
C VAL B 264 -17.94 -19.50 -13.57
N LYS B 265 -19.02 -19.74 -12.84
CA LYS B 265 -20.27 -19.05 -13.05
C LYS B 265 -20.07 -17.53 -12.87
N TYR B 266 -19.32 -17.10 -11.84
CA TYR B 266 -19.07 -15.68 -11.62
C TYR B 266 -18.34 -15.09 -12.81
N ILE B 267 -17.36 -15.83 -13.29
CA ILE B 267 -16.50 -15.33 -14.41
C ILE B 267 -17.28 -15.33 -15.74
N ASP B 268 -18.12 -16.33 -15.91
CA ASP B 268 -19.03 -16.40 -17.09
C ASP B 268 -19.99 -15.23 -17.12
N LYS B 269 -20.59 -14.94 -15.96
CA LYS B 269 -21.53 -13.82 -15.85
C LYS B 269 -20.80 -12.54 -16.19
N THR B 270 -19.59 -12.38 -15.71
CA THR B 270 -18.93 -11.09 -15.83
C THR B 270 -18.47 -10.84 -17.27
N LEU B 271 -17.99 -11.89 -17.93
CA LEU B 271 -17.27 -11.74 -19.19
C LEU B 271 -18.21 -12.10 -20.32
N VAL B 272 -19.30 -12.78 -20.00
CA VAL B 272 -20.17 -13.30 -21.09
C VAL B 272 -21.62 -12.90 -20.94
N THR B 273 -22.33 -13.44 -19.94
CA THR B 273 -23.77 -13.42 -19.95
C THR B 273 -24.37 -12.15 -19.32
N GLU B 274 -23.62 -11.47 -18.45
CA GLU B 274 -24.04 -10.20 -17.92
C GLU B 274 -22.96 -9.14 -18.22
N GLN B 275 -22.43 -9.23 -19.43
CA GLN B 275 -21.38 -8.38 -19.87
C GLN B 275 -21.81 -6.88 -19.93
N ALA B 276 -23.06 -6.55 -20.37
CA ALA B 276 -23.43 -5.11 -20.46
C ALA B 276 -23.23 -4.34 -19.17
N LYS B 277 -23.52 -4.97 -18.06
CA LYS B 277 -23.41 -4.32 -16.83
C LYS B 277 -22.01 -4.47 -16.18
N ALA B 278 -21.17 -5.30 -16.75
CA ALA B 278 -19.86 -5.60 -16.12
C ALA B 278 -18.95 -4.39 -16.11
N PRO B 279 -18.03 -4.33 -15.10
CA PRO B 279 -17.03 -3.26 -15.12
C PRO B 279 -15.99 -3.56 -16.19
N LYS B 280 -15.24 -2.54 -16.62
CA LYS B 280 -14.09 -2.72 -17.48
C LYS B 280 -13.04 -3.54 -16.73
N ILE B 281 -12.99 -3.35 -15.43
CA ILE B 281 -11.94 -4.10 -14.69
C ILE B 281 -12.57 -4.80 -13.49
N THR B 282 -12.49 -6.12 -13.42
CA THR B 282 -12.90 -6.85 -12.22
C THR B 282 -11.64 -7.45 -11.58
N LEU B 283 -11.53 -7.34 -10.27
CA LEU B 283 -10.46 -8.04 -9.52
C LEU B 283 -11.16 -9.02 -8.58
N LEU B 284 -10.83 -10.31 -8.63
CA LEU B 284 -11.32 -11.24 -7.66
C LEU B 284 -10.10 -11.67 -6.82
N VAL B 285 -10.25 -11.81 -5.51
CA VAL B 285 -9.10 -12.30 -4.77
C VAL B 285 -9.55 -13.46 -3.95
N GLY B 286 -8.96 -14.61 -4.24
CA GLY B 286 -9.31 -15.82 -3.55
C GLY B 286 -8.03 -16.53 -3.13
N HIS B 287 -7.94 -17.80 -3.48
CA HIS B 287 -6.89 -18.65 -2.95
C HIS B 287 -6.23 -19.46 -3.97
N ASP B 288 -5.10 -20.05 -3.58
CA ASP B 288 -4.46 -20.97 -4.51
C ASP B 288 -5.39 -22.08 -5.02
N SER B 289 -6.18 -22.73 -4.13
CA SER B 289 -7.11 -23.77 -4.59
CA SER B 289 -7.11 -23.77 -4.57
C SER B 289 -8.10 -23.26 -5.63
N ASN B 290 -8.47 -21.99 -5.53
CA ASN B 290 -9.39 -21.48 -6.54
C ASN B 290 -8.69 -21.39 -7.86
N ILE B 291 -7.47 -20.85 -7.91
CA ILE B 291 -6.74 -20.76 -9.21
C ILE B 291 -6.51 -22.17 -9.82
N ALA B 292 -6.05 -23.10 -8.99
CA ALA B 292 -5.78 -24.49 -9.43
C ALA B 292 -7.06 -25.14 -9.96
N SER B 293 -8.17 -25.03 -9.23
CA SER B 293 -9.29 -25.76 -9.75
C SER B 293 -9.90 -25.07 -10.99
N LEU B 294 -9.94 -23.73 -10.98
CA LEU B 294 -10.39 -22.93 -12.16
C LEU B 294 -9.64 -23.37 -13.43
N LEU B 295 -8.31 -23.46 -13.31
CA LEU B 295 -7.47 -23.74 -14.45
C LEU B 295 -7.80 -25.11 -14.98
N THR B 296 -7.95 -26.10 -14.10
CA THR B 296 -8.43 -27.41 -14.52
C THR B 296 -9.88 -27.39 -15.07
N ALA B 297 -10.78 -26.66 -14.40
CA ALA B 297 -12.18 -26.67 -14.77
C ALA B 297 -12.46 -26.03 -16.16
N LEU B 298 -11.70 -25.02 -16.55
CA LEU B 298 -11.75 -24.44 -17.91
C LEU B 298 -10.88 -25.17 -18.95
N ASP B 299 -10.16 -26.20 -18.50
CA ASP B 299 -9.39 -27.08 -19.42
C ASP B 299 -8.28 -26.31 -20.18
N PHE B 300 -7.50 -25.56 -19.43
CA PHE B 300 -6.28 -24.97 -19.95
C PHE B 300 -5.28 -26.07 -20.30
N LYS B 301 -4.48 -25.75 -21.27
CA LYS B 301 -3.33 -26.55 -21.58
C LYS B 301 -2.29 -26.44 -20.46
N PRO B 302 -1.41 -27.43 -20.43
CA PRO B 302 -0.32 -27.37 -19.50
C PRO B 302 0.44 -26.05 -19.57
N TYR B 303 0.85 -25.52 -18.43
CA TYR B 303 1.62 -24.29 -18.41
C TYR B 303 2.85 -24.43 -17.47
N GLN B 304 3.86 -23.59 -17.69
CA GLN B 304 5.04 -23.62 -16.87
C GLN B 304 5.42 -22.18 -16.56
N LEU B 305 5.75 -21.93 -15.29
CA LEU B 305 6.08 -20.57 -14.90
C LEU B 305 7.57 -20.53 -14.64
N HIS B 306 8.27 -19.81 -15.50
CA HIS B 306 9.72 -19.65 -15.38
C HIS B 306 10.06 -18.76 -14.13
N ASP B 307 11.18 -19.03 -13.43
CA ASP B 307 11.62 -18.21 -12.28
C ASP B 307 10.59 -18.25 -11.13
N GLN B 308 9.94 -19.39 -10.94
CA GLN B 308 9.06 -19.60 -9.78
C GLN B 308 9.09 -21.05 -9.42
N GLN B 309 8.97 -21.35 -8.13
CA GLN B 309 8.90 -22.74 -7.68
C GLN B 309 7.42 -23.12 -7.46
N GLU B 310 6.54 -22.14 -7.43
CA GLU B 310 5.12 -22.43 -7.11
C GLU B 310 4.32 -22.52 -8.40
N ARG B 311 3.36 -23.43 -8.42
CA ARG B 311 2.47 -23.51 -9.57
C ARG B 311 1.40 -22.42 -9.64
N THR B 312 1.12 -21.86 -8.45
CA THR B 312 0.13 -20.83 -8.30
C THR B 312 0.75 -19.85 -7.31
N PRO B 313 1.65 -18.99 -7.81
CA PRO B 313 2.49 -18.18 -6.94
C PRO B 313 1.75 -17.14 -6.14
N ILE B 314 2.27 -16.99 -4.94
CA ILE B 314 1.94 -15.76 -4.13
C ILE B 314 2.05 -14.56 -5.06
N GLY B 315 1.03 -13.72 -5.06
CA GLY B 315 1.03 -12.56 -5.93
C GLY B 315 0.93 -12.92 -7.42
N GLY B 316 0.35 -14.08 -7.74
CA GLY B 316 0.29 -14.42 -9.18
C GLY B 316 -1.16 -14.29 -9.53
N LYS B 317 -1.43 -13.71 -10.72
CA LYS B 317 -2.81 -13.46 -11.19
C LYS B 317 -3.10 -13.99 -12.61
N ILE B 318 -4.32 -14.47 -12.78
CA ILE B 318 -4.80 -14.90 -14.09
C ILE B 318 -5.54 -13.73 -14.69
N VAL B 319 -5.04 -13.22 -15.80
CA VAL B 319 -5.61 -12.00 -16.34
C VAL B 319 -6.33 -12.30 -17.63
N PHE B 320 -7.66 -12.45 -17.56
CA PHE B 320 -8.46 -12.70 -18.79
C PHE B 320 -8.70 -11.35 -19.46
N GLN B 321 -8.64 -11.28 -20.82
CA GLN B 321 -8.61 -9.95 -21.46
C GLN B 321 -9.48 -10.03 -22.71
N ARG B 322 -10.47 -9.12 -22.82
CA ARG B 322 -11.33 -9.10 -23.98
C ARG B 322 -10.80 -7.90 -24.78
N TRP B 323 -10.42 -8.12 -26.05
CA TRP B 323 -9.87 -7.05 -26.93
C TRP B 323 -10.85 -6.77 -28.04
N HIS B 324 -11.07 -5.50 -28.38
CA HIS B 324 -12.18 -5.11 -29.24
C HIS B 324 -11.57 -4.07 -30.15
N ASP B 325 -11.98 -4.06 -31.42
CA ASP B 325 -11.51 -3.04 -32.34
C ASP B 325 -12.77 -2.28 -32.77
N LYS B 326 -13.60 -2.89 -33.61
CA LYS B 326 -14.84 -2.29 -34.14
C LYS B 326 -16.08 -3.16 -34.02
N ASN B 327 -15.96 -4.47 -34.19
CA ASN B 327 -17.11 -5.37 -34.10
C ASN B 327 -16.98 -6.41 -32.95
N ALA B 328 -18.06 -6.58 -32.18
CA ALA B 328 -18.11 -7.54 -31.08
C ALA B 328 -17.84 -8.95 -31.59
N ASN B 329 -18.33 -9.34 -32.77
CA ASN B 329 -18.05 -10.71 -33.20
C ASN B 329 -16.64 -10.96 -33.77
N GLN B 330 -15.81 -9.90 -33.89
CA GLN B 330 -14.37 -10.10 -34.17
C GLN B 330 -13.53 -9.95 -32.86
N GLU B 331 -14.19 -9.91 -31.70
CA GLU B 331 -13.40 -9.70 -30.47
C GLU B 331 -12.43 -10.83 -30.22
N LEU B 332 -11.38 -10.58 -29.43
CA LEU B 332 -10.38 -11.61 -29.16
C LEU B 332 -10.22 -11.74 -27.64
N MET B 333 -9.79 -12.93 -27.18
CA MET B 333 -9.54 -13.19 -25.79
C MET B 333 -8.09 -13.62 -25.66
N LYS B 334 -7.41 -13.08 -24.66
CA LYS B 334 -6.02 -13.52 -24.37
C LYS B 334 -5.95 -13.61 -22.83
N ILE B 335 -5.27 -14.64 -22.32
CA ILE B 335 -5.28 -14.96 -20.86
C ILE B 335 -3.78 -15.17 -20.55
N GLU B 336 -3.29 -14.50 -19.49
CA GLU B 336 -1.90 -14.59 -19.14
C GLU B 336 -1.82 -14.79 -17.62
N TYR B 337 -0.80 -15.54 -17.23
CA TYR B 337 -0.48 -15.66 -15.79
C TYR B 337 0.57 -14.58 -15.61
N VAL B 338 0.23 -13.60 -14.80
CA VAL B 338 1.10 -12.43 -14.58
C VAL B 338 1.59 -12.49 -13.14
N TYR B 339 2.88 -12.49 -12.93
CA TYR B 339 3.35 -12.87 -11.61
C TYR B 339 4.73 -12.30 -11.35
N GLN B 340 5.12 -12.30 -10.07
CA GLN B 340 6.48 -11.90 -9.64
C GLN B 340 7.37 -13.14 -9.50
N SER B 341 8.61 -13.10 -9.99
CA SER B 341 9.50 -14.21 -9.81
C SER B 341 9.82 -14.39 -8.34
N SER B 342 10.45 -15.53 -8.01
CA SER B 342 10.79 -15.78 -6.57
C SER B 342 11.66 -14.62 -6.11
N GLU B 343 12.56 -14.16 -6.98
CA GLU B 343 13.43 -12.99 -6.63
C GLU B 343 12.72 -11.65 -6.55
N GLN B 344 11.81 -11.39 -7.46
CA GLN B 344 11.03 -10.13 -7.44
C GLN B 344 10.20 -10.05 -6.14
N LEU B 345 9.78 -11.22 -5.63
CA LEU B 345 9.08 -11.28 -4.35
C LEU B 345 10.06 -10.98 -3.20
N ARG B 346 11.10 -11.80 -3.08
CA ARG B 346 12.04 -11.62 -1.96
C ARG B 346 12.65 -10.23 -1.96
N ASN B 347 12.96 -9.67 -3.15
CA ASN B 347 13.59 -8.34 -3.27
C ASN B 347 12.61 -7.19 -3.25
N ALA B 348 11.34 -7.50 -3.17
CA ALA B 348 10.31 -6.43 -3.25
C ALA B 348 10.60 -5.54 -4.50
N SER B 349 10.87 -6.17 -5.65
CA SER B 349 11.33 -5.38 -6.80
C SER B 349 10.27 -4.40 -7.25
N VAL B 350 10.72 -3.16 -7.53
CA VAL B 350 9.80 -2.16 -8.06
C VAL B 350 9.43 -2.53 -9.51
N LEU B 351 8.16 -2.83 -9.80
CA LEU B 351 7.76 -3.27 -11.17
C LEU B 351 7.40 -2.04 -12.05
N SER B 352 7.73 -2.10 -13.36
CA SER B 352 7.41 -1.04 -14.34
C SER B 352 7.33 -1.70 -15.71
N LEU B 353 6.96 -0.92 -16.76
CA LEU B 353 7.06 -1.40 -18.12
C LEU B 353 8.49 -1.86 -18.52
N GLN B 354 9.49 -1.11 -18.09
CA GLN B 354 10.89 -1.41 -18.40
C GLN B 354 11.41 -2.58 -17.57
N SER B 355 10.78 -2.80 -16.40
CA SER B 355 11.16 -3.89 -15.48
CA SER B 355 11.16 -3.88 -15.50
C SER B 355 9.91 -4.60 -15.00
N PRO B 356 9.35 -5.45 -15.86
CA PRO B 356 7.97 -5.91 -15.65
C PRO B 356 7.84 -7.12 -14.80
N ALA B 357 6.60 -7.44 -14.39
CA ALA B 357 6.25 -8.71 -13.82
C ALA B 357 6.50 -9.75 -14.90
N GLN B 358 6.60 -10.99 -14.46
CA GLN B 358 6.67 -12.12 -15.37
C GLN B 358 5.30 -12.30 -16.01
N ARG B 359 5.29 -12.73 -17.26
CA ARG B 359 3.99 -13.01 -17.98
C ARG B 359 4.17 -14.26 -18.83
N VAL B 360 3.21 -15.21 -18.73
CA VAL B 360 3.15 -16.45 -19.48
C VAL B 360 1.79 -16.47 -20.05
N THR B 361 1.71 -16.67 -21.37
CA THR B 361 0.38 -16.82 -21.92
C THR B 361 -0.21 -18.20 -21.82
N LEU B 362 -1.42 -18.22 -21.32
CA LEU B 362 -2.15 -19.46 -21.08
C LEU B 362 -3.06 -19.74 -22.30
N GLU B 363 -3.47 -21.00 -22.44
CA GLU B 363 -4.24 -21.42 -23.64
C GLU B 363 -5.33 -22.36 -23.24
N LEU B 364 -6.55 -22.03 -23.60
CA LEU B 364 -7.63 -22.97 -23.38
C LEU B 364 -7.61 -24.04 -24.47
N LYS B 365 -7.78 -25.32 -24.10
CA LYS B 365 -7.85 -26.38 -25.13
C LYS B 365 -8.98 -26.08 -26.10
N GLY B 366 -10.06 -25.48 -25.58
CA GLY B 366 -11.23 -25.20 -26.42
C GLY B 366 -11.17 -23.87 -27.17
N CYS B 367 -10.09 -23.11 -26.96
CA CYS B 367 -9.94 -21.80 -27.67
C CYS B 367 -8.50 -21.62 -28.17
N PRO B 368 -8.11 -22.28 -29.29
CA PRO B 368 -6.68 -22.29 -29.67
C PRO B 368 -6.21 -20.92 -30.08
N VAL B 369 -5.04 -20.54 -29.58
CA VAL B 369 -4.53 -19.18 -29.71
C VAL B 369 -3.67 -19.07 -30.95
N ASP B 370 -3.56 -17.85 -31.44
CA ASP B 370 -2.69 -17.61 -32.57
C ASP B 370 -1.29 -17.46 -32.11
N ALA B 371 -0.43 -16.95 -33.01
CA ALA B 371 0.98 -16.75 -32.71
C ALA B 371 1.18 -15.77 -31.55
N ASN B 372 0.18 -14.93 -31.28
CA ASN B 372 0.38 -13.93 -30.23
C ASN B 372 -0.50 -14.13 -29.00
N GLY B 373 -1.04 -15.34 -28.79
CA GLY B 373 -1.81 -15.63 -27.60
C GLY B 373 -3.27 -15.27 -27.66
N PHE B 374 -3.78 -14.85 -28.82
CA PHE B 374 -5.19 -14.49 -28.92
C PHE B 374 -6.01 -15.61 -29.53
N CYS B 375 -7.22 -15.80 -29.02
CA CYS B 375 -8.18 -16.73 -29.64
C CYS B 375 -9.52 -16.00 -29.83
N PRO B 376 -10.39 -16.51 -30.73
CA PRO B 376 -11.68 -15.77 -30.93
C PRO B 376 -12.69 -15.86 -29.79
N VAL B 377 -13.28 -14.72 -29.45
CA VAL B 377 -14.21 -14.66 -28.33
C VAL B 377 -15.31 -15.67 -28.49
N ASP B 378 -15.71 -15.92 -29.76
CA ASP B 378 -16.74 -16.89 -30.11
C ASP B 378 -16.48 -18.22 -29.34
N LYS B 379 -15.27 -18.72 -29.48
CA LYS B 379 -14.91 -19.98 -28.88
C LYS B 379 -14.71 -19.86 -27.38
N PHE B 380 -14.16 -18.73 -26.92
CA PHE B 380 -14.04 -18.49 -25.46
C PHE B 380 -15.43 -18.61 -24.81
N ASN B 381 -16.36 -17.95 -25.45
CA ASN B 381 -17.75 -17.98 -24.96
C ASN B 381 -18.32 -19.37 -24.80
N ALA B 382 -18.05 -20.22 -25.80
CA ALA B 382 -18.48 -21.62 -25.81
C ALA B 382 -17.79 -22.41 -24.66
N VAL B 383 -16.51 -22.14 -24.44
CA VAL B 383 -15.78 -22.75 -23.29
C VAL B 383 -16.47 -22.42 -21.96
N MET B 384 -16.82 -21.14 -21.76
CA MET B 384 -17.41 -20.72 -20.52
C MET B 384 -18.81 -21.30 -20.33
N ASN B 385 -19.62 -21.28 -21.38
CA ASN B 385 -20.98 -21.81 -21.36
C ASN B 385 -20.89 -23.26 -20.96
N ASN B 386 -20.03 -23.99 -21.65
CA ASN B 386 -19.90 -25.42 -21.38
C ASN B 386 -19.40 -25.70 -19.98
N ALA B 387 -18.45 -24.95 -19.44
CA ALA B 387 -18.01 -25.23 -18.07
C ALA B 387 -19.10 -24.75 -17.10
N ALA B 388 -19.75 -23.64 -17.41
CA ALA B 388 -20.80 -23.14 -16.49
C ALA B 388 -22.10 -23.99 -16.41
N LYS B 389 -22.37 -24.83 -17.43
CA LYS B 389 -23.40 -25.88 -17.31
C LYS B 389 -23.13 -26.77 -16.09
C1 IHP C . -1.18 22.66 -3.47
C2 IHP C . -0.73 21.81 -2.22
C3 IHP C . 0.77 21.78 -1.73
C4 IHP C . 1.25 23.27 -1.64
C5 IHP C . 0.31 24.37 -2.30
C6 IHP C . -0.48 24.06 -3.61
O11 IHP C . -1.18 21.75 -4.60
P1 IHP C . -2.04 21.67 -5.98
O21 IHP C . -1.13 22.45 -6.92
O31 IHP C . -3.41 22.33 -5.77
O41 IHP C . -2.11 20.23 -6.43
O12 IHP C . -1.67 22.01 -1.17
P2 IHP C . -2.41 23.42 -0.88
O22 IHP C . -3.73 23.04 -0.32
O32 IHP C . -1.43 24.01 0.13
O42 IHP C . -2.59 24.17 -2.18
O13 IHP C . 1.10 20.96 -0.50
P3 IHP C . 1.58 19.43 -0.03
O23 IHP C . 2.81 18.97 -0.75
O33 IHP C . 0.36 18.59 -0.21
O43 IHP C . 1.81 19.45 1.47
O14 IHP C . 2.63 23.38 -2.09
P4 IHP C . 3.92 23.01 -1.18
O24 IHP C . 3.81 21.52 -0.92
O34 IHP C . 3.77 23.88 0.05
O44 IHP C . 5.14 23.39 -2.06
O15 IHP C . 0.86 25.71 -2.37
P5 IHP C . 2.26 26.27 -3.04
O25 IHP C . 3.36 25.64 -2.19
O35 IHP C . 2.26 25.83 -4.48
O45 IHP C . 2.18 27.78 -2.74
O16 IHP C . -1.44 25.14 -3.93
P6 IHP C . -1.34 26.39 -5.04
O26 IHP C . -2.72 26.71 -5.59
O36 IHP C . -0.36 25.86 -6.10
O46 IHP C . -0.86 27.58 -4.21
P PO4 D . 12.87 3.53 -5.52
O1 PO4 D . 12.07 4.08 -6.73
O2 PO4 D . 13.76 4.55 -4.87
O3 PO4 D . 11.87 2.86 -4.56
O4 PO4 D . 13.86 2.51 -6.01
C1 IHP E . -7.10 -22.10 2.79
C2 IHP E . -6.61 -21.35 1.55
C3 IHP E . -5.07 -21.33 1.41
C4 IHP E . -4.44 -22.73 1.37
C5 IHP E . -5.02 -23.73 2.43
C6 IHP E . -6.43 -23.47 3.03
O11 IHP E . -7.09 -21.30 3.99
P1 IHP E . -8.51 -20.85 4.65
O21 IHP E . -8.96 -22.08 5.41
O31 IHP E . -9.33 -20.50 3.43
O41 IHP E . -8.24 -19.66 5.56
O12 IHP E . -7.28 -21.82 0.35
P2 IHP E . -8.81 -22.38 0.27
O22 IHP E . -9.47 -21.83 -0.97
O32 IHP E . -8.52 -23.87 0.16
O42 IHP E . -9.55 -21.86 1.48
O13 IHP E . -4.72 -20.58 0.22
P3 IHP E . -3.95 -19.14 0.12
O23 IHP E . -2.64 -19.76 0.61
O33 IHP E . -4.66 -18.17 0.95
O43 IHP E . -4.20 -18.99 -1.34
O14 IHP E . -2.98 -22.63 1.36
P4 IHP E . -1.92 -23.85 1.08
O24 IHP E . -0.79 -23.14 0.35
O34 IHP E . -2.68 -24.89 0.31
O44 IHP E . -1.47 -24.39 2.41
O15 IHP E . -4.07 -24.01 3.48
P5 IHP E . -3.89 -23.25 4.93
O25 IHP E . -2.45 -23.63 5.26
O35 IHP E . -4.08 -21.76 4.70
O45 IHP E . -4.93 -23.92 5.81
O16 IHP E . -7.36 -24.53 2.68
P6 IHP E . -8.66 -24.88 3.59
O26 IHP E . -9.68 -23.81 3.26
O36 IHP E . -8.14 -24.81 5.01
O46 IHP E . -9.06 -26.28 3.18
CA CA F . 6.51 -41.91 -3.58
#